data_8KHU
#
_entry.id   8KHU
#
_cell.length_a   66.207
_cell.length_b   65.983
_cell.length_c   86.412
_cell.angle_alpha   68.620
_cell.angle_beta   68.420
_cell.angle_gamma   83.330
#
_symmetry.space_group_name_H-M   'P 1'
#
loop_
_entity.id
_entity.type
_entity.pdbx_description
1 polymer 'Capsid protein'
2 non-polymer 'ISOPROPYL ALCOHOL'
3 non-polymer (6~{S},7~{R})-6,7-dimethyl-3-(2-oxidanylidenepyrrolidin-1-yl)-~{N}-[3,4,5-tris(fluoranyl)phenyl]-6,7-dihydro-4~{H}-pyrazolo[1,5-a]pyrazine-5-carboxamide
4 non-polymer GLYCEROL
5 water water
#
_entity_poly.entity_id   1
_entity_poly.type   'polypeptide(L)'
_entity_poly.pdbx_seq_one_letter_code
;MDIDPYKEFGATVELLSFLPSDFFPSVRDLLDTAAALYRDALESPEHCSPHHTALRQAILCWGDLMTLATWVGTNLEDPA
SRDLVVSYVNTNVGLKFRQLLWFHISCLTFGRETVLEYLVSFGVWIRTPPAARPPNAPILSTLPETTVVENLYFQ
;
_entity_poly.pdbx_strand_id   A,B,C,D,E,F,G
#
# COMPACT_ATOMS: atom_id res chain seq x y z
N MET A 1 -6.38 10.29 -2.94
CA MET A 1 -6.73 9.53 -4.12
C MET A 1 -5.46 9.17 -4.88
N ASP A 2 -5.37 7.99 -5.46
CA ASP A 2 -4.12 7.56 -6.09
C ASP A 2 -4.44 7.30 -7.57
N ILE A 3 -4.39 8.32 -8.40
CA ILE A 3 -4.88 8.22 -9.76
C ILE A 3 -3.68 8.06 -10.67
N ASP A 4 -3.71 7.08 -11.53
CA ASP A 4 -2.64 6.94 -12.55
C ASP A 4 -3.27 7.26 -13.90
N PRO A 5 -2.84 8.34 -14.55
CA PRO A 5 -3.51 8.82 -15.77
C PRO A 5 -3.49 7.84 -16.94
N TYR A 6 -2.55 6.89 -16.94
CA TYR A 6 -2.46 5.87 -17.98
C TYR A 6 -3.37 4.68 -17.73
N LYS A 7 -3.80 4.46 -16.49
CA LYS A 7 -4.43 3.19 -16.16
C LYS A 7 -5.70 2.94 -16.98
N GLU A 8 -6.50 3.99 -17.28
CA GLU A 8 -7.68 3.75 -18.11
C GLU A 8 -7.31 3.47 -19.55
N PHE A 9 -6.08 3.79 -19.96
CA PHE A 9 -5.57 3.48 -21.28
C PHE A 9 -4.65 2.26 -21.31
N GLY A 10 -4.71 1.42 -20.28
CA GLY A 10 -3.97 0.15 -20.31
C GLY A 10 -2.50 0.27 -20.02
N ALA A 11 -2.05 1.33 -19.35
CA ALA A 11 -0.61 1.46 -19.13
C ALA A 11 -0.44 1.99 -17.72
N THR A 12 0.79 2.37 -17.37
CA THR A 12 0.99 2.90 -16.02
C THR A 12 2.05 3.96 -16.10
N VAL A 13 2.20 4.72 -15.02
CA VAL A 13 3.33 5.65 -14.94
C VAL A 13 4.65 4.86 -15.00
N GLU A 14 4.73 3.73 -14.27
CA GLU A 14 5.99 2.97 -14.19
C GLU A 14 6.44 2.52 -15.57
N LEU A 15 5.50 2.04 -16.38
CA LEU A 15 5.82 1.62 -17.71
C LEU A 15 6.36 2.76 -18.59
N LEU A 16 5.69 3.91 -18.63
CA LEU A 16 6.20 5.03 -19.43
C LEU A 16 7.57 5.45 -18.97
N SER A 17 7.83 5.35 -17.67
N SER A 17 7.81 5.34 -17.66
CA SER A 17 9.11 5.74 -17.14
CA SER A 17 9.08 5.74 -17.10
C SER A 17 10.21 4.74 -17.43
C SER A 17 10.20 4.82 -17.55
N PHE A 18 9.88 3.62 -18.08
CA PHE A 18 10.90 2.69 -18.56
C PHE A 18 11.60 3.28 -19.77
N LEU A 19 10.94 4.24 -20.46
CA LEU A 19 11.66 4.95 -21.49
C LEU A 19 12.55 6.02 -20.85
N PRO A 20 13.74 6.25 -21.36
CA PRO A 20 14.60 7.27 -20.74
C PRO A 20 14.18 8.66 -21.17
N SER A 21 14.63 9.64 -20.38
CA SER A 21 14.04 10.96 -20.56
C SER A 21 14.41 11.54 -21.92
N ASP A 22 15.55 11.18 -22.46
CA ASP A 22 15.93 11.77 -23.74
C ASP A 22 15.30 11.07 -24.94
N PHE A 23 14.51 10.02 -24.74
CA PHE A 23 13.75 9.41 -25.83
C PHE A 23 12.66 10.36 -26.35
N PHE A 24 11.98 11.14 -25.42
CA PHE A 24 10.81 11.84 -25.87
C PHE A 24 11.18 13.13 -26.59
N PRO A 25 10.38 13.52 -27.60
CA PRO A 25 10.47 14.90 -28.12
C PRO A 25 10.25 15.94 -27.03
N SER A 26 10.64 17.17 -27.36
CA SER A 26 10.45 18.31 -26.47
C SER A 26 8.95 18.59 -26.33
N VAL A 27 8.55 19.25 -25.22
CA VAL A 27 7.15 19.62 -25.14
C VAL A 27 6.73 20.50 -26.32
N ARG A 28 7.55 21.47 -26.71
CA ARG A 28 7.13 22.33 -27.82
C ARG A 28 6.87 21.49 -29.08
N ASP A 29 7.73 20.52 -29.34
CA ASP A 29 7.61 19.70 -30.53
C ASP A 29 6.40 18.78 -30.47
N LEU A 30 6.05 18.30 -29.27
CA LEU A 30 4.86 17.47 -29.10
C LEU A 30 3.57 18.30 -29.28
N LEU A 31 3.58 19.54 -28.82
CA LEU A 31 2.40 20.40 -29.08
C LEU A 31 2.31 20.82 -30.56
N ASP A 32 3.45 20.99 -31.25
CA ASP A 32 3.38 21.27 -32.68
C ASP A 32 2.76 20.09 -33.41
N THR A 33 3.11 18.87 -32.97
CA THR A 33 2.60 17.66 -33.62
C THR A 33 1.12 17.44 -33.35
N ALA A 34 0.71 17.57 -32.08
CA ALA A 34 -0.72 17.49 -31.77
C ALA A 34 -1.50 18.42 -32.69
N ALA A 35 -1.04 19.66 -32.83
CA ALA A 35 -1.71 20.58 -33.75
C ALA A 35 -1.66 20.09 -35.20
N ALA A 36 -0.47 19.71 -35.71
CA ALA A 36 -0.43 19.37 -37.12
C ALA A 36 -1.29 18.15 -37.39
N LEU A 37 -1.31 17.18 -36.46
CA LEU A 37 -2.06 15.95 -36.73
C LEU A 37 -3.53 16.01 -36.26
N TYR A 38 -3.83 16.78 -35.24
CA TYR A 38 -5.12 16.58 -34.57
C TYR A 38 -5.88 17.87 -34.25
N ARG A 39 -5.45 19.03 -34.74
CA ARG A 39 -6.01 20.27 -34.24
C ARG A 39 -7.52 20.32 -34.38
N ASP A 40 -8.04 19.97 -35.56
CA ASP A 40 -9.47 20.20 -35.78
C ASP A 40 -10.30 19.29 -34.88
N ALA A 41 -9.83 18.07 -34.65
CA ALA A 41 -10.53 17.21 -33.72
C ALA A 41 -10.36 17.71 -32.30
N LEU A 42 -9.12 18.06 -31.92
CA LEU A 42 -8.91 18.63 -30.58
C LEU A 42 -9.79 19.84 -30.32
N GLU A 43 -10.01 20.67 -31.34
CA GLU A 43 -10.79 21.90 -31.17
C GLU A 43 -12.29 21.73 -31.36
N SER A 44 -12.79 20.52 -31.75
CA SER A 44 -14.16 20.39 -32.16
C SER A 44 -15.05 20.21 -30.94
N PRO A 45 -16.37 20.46 -31.07
CA PRO A 45 -17.28 20.31 -29.92
C PRO A 45 -17.74 18.88 -29.73
N GLU A 46 -16.88 17.89 -30.00
CA GLU A 46 -17.24 16.48 -29.93
C GLU A 46 -16.20 15.77 -29.10
N HIS A 47 -16.57 14.66 -28.47
CA HIS A 47 -15.61 13.92 -27.65
C HIS A 47 -14.48 13.35 -28.50
N CYS A 48 -14.81 12.72 -29.63
CA CYS A 48 -13.91 12.01 -30.56
C CYS A 48 -13.43 10.71 -29.98
N SER A 49 -12.70 10.73 -28.86
CA SER A 49 -12.26 9.50 -28.23
C SER A 49 -11.70 9.84 -26.85
N PRO A 50 -11.55 8.84 -25.99
CA PRO A 50 -10.91 9.12 -24.70
C PRO A 50 -9.53 9.70 -24.84
N HIS A 51 -8.74 9.32 -25.89
CA HIS A 51 -7.43 9.91 -26.04
C HIS A 51 -7.52 11.40 -26.34
N HIS A 52 -8.44 11.76 -27.24
CA HIS A 52 -8.68 13.20 -27.46
C HIS A 52 -9.03 13.92 -26.18
N THR A 53 -9.95 13.37 -25.39
CA THR A 53 -10.32 14.06 -24.15
C THR A 53 -9.10 14.24 -23.24
N ALA A 54 -8.28 13.18 -23.06
CA ALA A 54 -7.12 13.33 -22.20
C ALA A 54 -6.14 14.31 -22.78
N LEU A 55 -5.90 14.18 -24.08
CA LEU A 55 -4.96 15.07 -24.72
C LEU A 55 -5.40 16.52 -24.60
N ARG A 56 -6.69 16.79 -24.77
CA ARG A 56 -7.18 18.16 -24.56
C ARG A 56 -6.80 18.69 -23.19
N GLN A 57 -6.94 17.84 -22.13
CA GLN A 57 -6.63 18.35 -20.79
C GLN A 57 -5.14 18.54 -20.58
N ALA A 58 -4.33 17.62 -21.10
CA ALA A 58 -2.90 17.74 -20.93
C ALA A 58 -2.40 19.04 -21.56
N ILE A 59 -2.82 19.32 -22.78
CA ILE A 59 -2.43 20.57 -23.45
C ILE A 59 -2.76 21.79 -22.62
N LEU A 60 -4.03 21.90 -22.17
CA LEU A 60 -4.45 23.00 -21.33
C LEU A 60 -3.68 23.04 -20.01
N CYS A 61 -3.48 21.87 -19.39
CA CYS A 61 -2.70 21.85 -18.17
C CYS A 61 -1.30 22.39 -18.39
N TRP A 62 -0.65 22.05 -19.51
CA TRP A 62 0.67 22.60 -19.72
C TRP A 62 0.57 24.10 -19.88
N GLY A 63 -0.43 24.58 -20.63
CA GLY A 63 -0.65 26.03 -20.67
C GLY A 63 -0.82 26.65 -19.29
N ASP A 64 -1.59 26.00 -18.41
CA ASP A 64 -1.72 26.51 -17.04
C ASP A 64 -0.39 26.60 -16.35
N LEU A 65 0.40 25.51 -16.42
CA LEU A 65 1.69 25.56 -15.76
C LEU A 65 2.54 26.66 -16.33
N MET A 66 2.50 26.81 -17.66
CA MET A 66 3.34 27.84 -18.29
C MET A 66 2.83 29.25 -18.01
N THR A 67 1.50 29.43 -17.91
CA THR A 67 0.99 30.76 -17.57
C THR A 67 1.46 31.16 -16.18
N LEU A 68 1.40 30.22 -15.24
CA LEU A 68 1.82 30.52 -13.87
C LEU A 68 3.32 30.80 -13.82
N ALA A 69 4.12 29.95 -14.47
CA ALA A 69 5.57 30.18 -14.47
C ALA A 69 5.91 31.51 -15.15
N THR A 70 5.22 31.84 -16.25
CA THR A 70 5.51 33.12 -16.92
C THR A 70 5.14 34.30 -16.05
N TRP A 71 3.95 34.26 -15.42
CA TRP A 71 3.55 35.36 -14.56
C TRP A 71 4.54 35.53 -13.42
N VAL A 72 4.97 34.42 -12.82
CA VAL A 72 6.08 34.47 -11.90
C VAL A 72 7.30 35.08 -12.58
N GLY A 73 7.64 34.58 -13.76
CA GLY A 73 8.83 35.06 -14.45
C GLY A 73 8.85 36.55 -14.70
N THR A 74 7.72 37.13 -15.12
CA THR A 74 7.66 38.57 -15.39
C THR A 74 7.69 39.41 -14.12
N ASN A 75 7.38 38.84 -12.95
CA ASN A 75 7.51 39.57 -11.70
C ASN A 75 8.84 39.28 -10.98
N LEU A 76 9.84 38.76 -11.68
CA LEU A 76 11.16 38.52 -11.13
C LEU A 76 12.17 39.42 -11.85
N GLU A 77 12.94 40.18 -11.07
CA GLU A 77 13.91 41.10 -11.67
C GLU A 77 15.13 40.39 -12.22
N ASP A 78 15.49 39.24 -11.64
CA ASP A 78 16.74 38.57 -11.95
C ASP A 78 16.57 37.62 -13.12
N PRO A 79 17.34 37.78 -14.21
CA PRO A 79 17.31 36.76 -15.28
C PRO A 79 17.75 35.38 -14.84
N ALA A 80 18.70 35.28 -13.88
CA ALA A 80 19.11 33.99 -13.34
C ALA A 80 17.96 33.26 -12.65
N SER A 81 17.05 34.02 -12.01
CA SER A 81 15.89 33.40 -11.38
C SER A 81 14.92 32.86 -12.43
N ARG A 82 14.67 33.61 -13.49
CA ARG A 82 13.82 33.08 -14.55
C ARG A 82 14.44 31.85 -15.18
N ASP A 83 15.78 31.81 -15.27
CA ASP A 83 16.50 30.63 -15.72
C ASP A 83 16.28 29.44 -14.79
N LEU A 84 16.31 29.68 -13.47
CA LEU A 84 16.09 28.57 -12.54
C LEU A 84 14.66 28.07 -12.61
N VAL A 85 13.70 28.94 -12.94
CA VAL A 85 12.35 28.46 -13.22
C VAL A 85 12.32 27.62 -14.49
N VAL A 86 12.84 28.18 -15.60
CA VAL A 86 12.89 27.43 -16.85
C VAL A 86 13.51 26.06 -16.64
N SER A 87 14.72 26.03 -16.06
CA SER A 87 15.32 24.72 -15.80
C SER A 87 14.40 23.80 -15.00
N TYR A 88 13.56 24.36 -14.11
CA TYR A 88 12.81 23.53 -13.16
C TYR A 88 11.62 22.87 -13.82
N VAL A 89 10.83 23.66 -14.57
CA VAL A 89 9.69 23.11 -15.30
C VAL A 89 10.14 22.05 -16.29
N ASN A 90 11.28 22.25 -16.95
CA ASN A 90 11.78 21.23 -17.86
C ASN A 90 12.28 20.00 -17.09
N THR A 91 12.88 20.20 -15.91
CA THR A 91 13.42 19.07 -15.14
C THR A 91 12.30 18.18 -14.60
N ASN A 92 11.30 18.78 -13.96
CA ASN A 92 10.27 18.01 -13.28
C ASN A 92 9.00 17.80 -14.09
N VAL A 93 8.16 18.82 -14.25
CA VAL A 93 6.90 18.53 -14.93
C VAL A 93 7.13 18.32 -16.42
N GLY A 94 8.19 18.91 -16.97
CA GLY A 94 8.49 18.71 -18.38
C GLY A 94 8.51 17.25 -18.79
N LEU A 95 9.22 16.43 -18.05
CA LEU A 95 9.33 15.01 -18.42
C LEU A 95 7.99 14.35 -18.34
N LYS A 96 7.29 14.57 -17.20
CA LYS A 96 5.95 14.05 -17.04
C LYS A 96 5.07 14.38 -18.24
N PHE A 97 5.11 15.62 -18.68
CA PHE A 97 4.20 15.96 -19.79
C PHE A 97 4.74 15.48 -21.14
N ARG A 98 6.06 15.41 -21.33
CA ARG A 98 6.53 14.78 -22.56
C ARG A 98 6.06 13.33 -22.62
N GLN A 99 6.13 12.59 -21.50
CA GLN A 99 5.61 11.22 -21.50
C GLN A 99 4.15 11.19 -21.94
N LEU A 100 3.31 11.94 -21.22
CA LEU A 100 1.87 11.91 -21.44
C LEU A 100 1.51 12.32 -22.87
N LEU A 101 2.02 13.45 -23.32
CA LEU A 101 1.62 13.90 -24.67
C LEU A 101 2.14 12.93 -25.72
N TRP A 102 3.34 12.38 -25.49
CA TRP A 102 3.86 11.47 -26.49
C TRP A 102 2.94 10.28 -26.56
N PHE A 103 2.44 9.88 -25.41
CA PHE A 103 1.69 8.64 -25.34
C PHE A 103 0.36 8.77 -26.04
N HIS A 104 -0.35 9.86 -25.75
CA HIS A 104 -1.63 10.10 -26.40
C HIS A 104 -1.44 10.34 -27.88
N ILE A 105 -0.47 11.16 -28.26
CA ILE A 105 -0.27 11.39 -29.71
C ILE A 105 0.09 10.11 -30.45
N SER A 106 1.00 9.29 -29.87
CA SER A 106 1.37 8.05 -30.56
C SER A 106 0.24 7.04 -30.55
N CYS A 107 -0.55 6.96 -29.46
CA CYS A 107 -1.65 6.00 -29.43
C CYS A 107 -2.67 6.32 -30.50
N LEU A 108 -2.90 7.61 -30.75
CA LEU A 108 -3.89 8.04 -31.76
C LEU A 108 -3.41 7.78 -33.16
N THR A 109 -2.10 7.80 -33.38
CA THR A 109 -1.57 7.54 -34.71
C THR A 109 -1.29 6.05 -34.92
N PHE A 110 -0.79 5.32 -33.91
CA PHE A 110 -0.33 3.95 -34.13
C PHE A 110 -1.07 2.90 -33.30
N GLY A 111 -1.84 3.29 -32.29
CA GLY A 111 -2.66 2.38 -31.48
C GLY A 111 -1.96 1.85 -30.24
N ARG A 112 -2.76 1.61 -29.19
CA ARG A 112 -2.26 1.29 -27.86
C ARG A 112 -1.33 0.07 -27.88
N GLU A 113 -1.81 -1.06 -28.39
CA GLU A 113 -1.00 -2.26 -28.27
C GLU A 113 0.29 -2.12 -29.05
N THR A 114 0.24 -1.49 -30.23
CA THR A 114 1.47 -1.20 -30.97
C THR A 114 2.42 -0.35 -30.14
N VAL A 115 1.87 0.67 -29.46
CA VAL A 115 2.73 1.59 -28.72
C VAL A 115 3.35 0.91 -27.50
N LEU A 116 2.58 0.09 -26.79
CA LEU A 116 3.11 -0.59 -25.61
C LEU A 116 4.15 -1.65 -25.99
N GLU A 117 3.88 -2.43 -27.03
CA GLU A 117 4.92 -3.34 -27.51
C GLU A 117 6.19 -2.59 -27.85
N TYR A 118 6.06 -1.50 -28.61
CA TYR A 118 7.24 -0.76 -29.05
C TYR A 118 7.99 -0.19 -27.85
N LEU A 119 7.25 0.27 -26.86
CA LEU A 119 7.84 0.95 -25.72
C LEU A 119 8.79 0.03 -24.95
N VAL A 120 8.39 -1.23 -24.77
CA VAL A 120 9.28 -2.09 -23.99
C VAL A 120 10.42 -2.57 -24.89
N SER A 121 10.18 -2.63 -26.19
CA SER A 121 11.26 -3.01 -27.11
C SER A 121 12.35 -1.96 -27.08
N PHE A 122 11.98 -0.72 -27.22
CA PHE A 122 12.98 0.34 -27.17
C PHE A 122 13.65 0.43 -25.80
N GLY A 123 12.88 0.35 -24.70
CA GLY A 123 13.52 0.40 -23.39
C GLY A 123 14.59 -0.68 -23.22
N VAL A 124 14.32 -1.90 -23.73
CA VAL A 124 15.33 -2.94 -23.69
C VAL A 124 16.50 -2.60 -24.62
N TRP A 125 16.19 -2.07 -25.79
CA TRP A 125 17.21 -1.82 -26.79
C TRP A 125 18.24 -0.81 -26.29
N ILE A 126 17.76 0.32 -25.77
CA ILE A 126 18.59 1.44 -25.31
C ILE A 126 19.36 1.13 -24.02
N ARG A 127 18.93 0.15 -23.21
CA ARG A 127 19.74 -0.26 -22.05
C ARG A 127 20.90 -1.19 -22.43
N THR A 128 20.92 -1.64 -23.66
CA THR A 128 22.01 -2.46 -24.13
C THR A 128 23.26 -1.61 -24.39
N PRO A 129 24.39 -1.92 -23.77
CA PRO A 129 25.65 -1.27 -24.05
C PRO A 129 25.88 -1.19 -25.55
N PRO A 130 26.46 -0.10 -26.01
CA PRO A 130 26.47 0.14 -27.46
C PRO A 130 27.24 -0.91 -28.26
N ALA A 131 28.28 -1.54 -27.69
CA ALA A 131 29.03 -2.54 -28.47
C ALA A 131 28.18 -3.79 -28.76
N ALA A 132 27.20 -4.08 -27.90
CA ALA A 132 26.32 -5.23 -28.12
C ALA A 132 24.98 -4.86 -28.69
N ARG A 133 24.68 -3.57 -28.77
CA ARG A 133 23.35 -3.10 -29.16
C ARG A 133 23.06 -3.36 -30.63
N PRO A 134 21.93 -3.97 -30.98
CA PRO A 134 21.62 -4.22 -32.38
C PRO A 134 21.57 -2.93 -33.18
N PRO A 135 21.91 -2.98 -34.47
CA PRO A 135 21.94 -1.75 -35.27
C PRO A 135 20.55 -1.16 -35.52
N ASN A 136 19.56 -1.99 -35.82
CA ASN A 136 18.22 -1.50 -36.09
C ASN A 136 17.49 -1.35 -34.76
N ALA A 137 17.22 -0.12 -34.36
CA ALA A 137 16.33 0.14 -33.27
C ALA A 137 14.90 -0.23 -33.68
N PRO A 138 14.05 -0.55 -32.73
CA PRO A 138 12.64 -0.85 -33.08
C PRO A 138 11.92 0.40 -33.58
N ILE A 139 10.95 0.19 -34.47
CA ILE A 139 10.14 1.29 -34.98
C ILE A 139 8.66 0.92 -34.95
N LEU A 140 7.82 1.96 -34.96
CA LEU A 140 6.37 1.84 -34.87
C LEU A 140 5.75 1.80 -36.26
N SER A 141 4.78 0.89 -36.44
CA SER A 141 4.09 0.75 -37.74
C SER A 141 2.66 0.25 -37.60
N MET B 1 -3.12 26.45 -30.71
CA MET B 1 -4.45 25.87 -30.62
C MET B 1 -5.24 26.63 -29.61
N ASP B 2 -6.54 26.52 -29.73
CA ASP B 2 -7.46 27.31 -28.92
C ASP B 2 -8.48 26.29 -28.46
N ILE B 3 -8.19 25.59 -27.35
CA ILE B 3 -9.02 24.50 -26.90
C ILE B 3 -9.82 25.03 -25.74
N ASP B 4 -11.12 24.91 -25.80
CA ASP B 4 -11.99 25.24 -24.65
C ASP B 4 -12.31 23.94 -23.97
N PRO B 5 -11.92 23.75 -22.72
CA PRO B 5 -12.13 22.44 -22.05
C PRO B 5 -13.57 22.02 -21.94
N TYR B 6 -14.53 22.96 -22.02
CA TYR B 6 -15.94 22.65 -21.88
C TYR B 6 -16.62 22.31 -23.18
N LYS B 7 -16.00 22.57 -24.34
CA LYS B 7 -16.75 22.49 -25.60
C LYS B 7 -17.22 21.07 -25.92
N GLU B 8 -16.39 20.04 -25.68
CA GLU B 8 -16.91 18.68 -25.93
C GLU B 8 -18.01 18.32 -24.96
N PHE B 9 -18.17 19.08 -23.89
CA PHE B 9 -19.24 18.82 -22.93
C PHE B 9 -20.43 19.77 -23.13
N GLY B 10 -20.49 20.44 -24.26
CA GLY B 10 -21.58 21.35 -24.59
C GLY B 10 -21.62 22.64 -23.80
N ALA B 11 -20.47 23.12 -23.32
CA ALA B 11 -20.43 24.35 -22.54
C ALA B 11 -19.26 25.17 -23.07
N THR B 12 -18.92 26.26 -22.35
CA THR B 12 -17.80 27.11 -22.76
C THR B 12 -17.27 27.73 -21.51
N VAL B 13 -16.03 28.23 -21.57
CA VAL B 13 -15.54 28.98 -20.41
C VAL B 13 -16.42 30.17 -20.11
N GLU B 14 -16.95 30.86 -21.17
CA GLU B 14 -17.82 32.01 -20.97
C GLU B 14 -19.08 31.65 -20.15
N LEU B 15 -19.63 30.46 -20.37
CA LEU B 15 -20.83 30.06 -19.66
C LEU B 15 -20.54 29.76 -18.18
N LEU B 16 -19.44 29.05 -17.89
CA LEU B 16 -19.08 28.80 -16.49
C LEU B 16 -18.78 30.10 -15.78
N SER B 17 -18.19 31.06 -16.48
N SER B 17 -18.18 31.06 -16.45
CA SER B 17 -17.91 32.38 -15.93
CA SER B 17 -17.91 32.34 -15.83
C SER B 17 -19.19 33.13 -15.56
C SER B 17 -19.18 33.18 -15.62
N PHE B 18 -20.34 32.71 -16.09
CA PHE B 18 -21.63 33.42 -15.79
C PHE B 18 -22.03 33.23 -14.33
N LEU B 19 -21.52 32.15 -13.68
CA LEU B 19 -21.67 31.98 -12.24
C LEU B 19 -20.67 32.88 -11.51
N PRO B 20 -21.05 33.56 -10.43
CA PRO B 20 -20.09 34.41 -9.72
C PRO B 20 -19.03 33.55 -9.05
N SER B 21 -17.89 34.18 -8.77
CA SER B 21 -16.75 33.41 -8.25
C SER B 21 -17.07 32.78 -6.92
N ASP B 22 -17.91 33.39 -6.11
CA ASP B 22 -18.12 32.81 -4.81
C ASP B 22 -19.25 31.82 -4.82
N PHE B 23 -19.76 31.43 -6.00
CA PHE B 23 -20.67 30.29 -6.10
C PHE B 23 -19.96 28.94 -5.83
N PHE B 24 -18.74 28.78 -6.30
CA PHE B 24 -18.08 27.49 -6.33
C PHE B 24 -17.48 27.15 -4.97
N PRO B 25 -17.60 25.89 -4.57
CA PRO B 25 -16.83 25.36 -3.44
C PRO B 25 -15.34 25.57 -3.63
N SER B 26 -14.61 25.47 -2.51
CA SER B 26 -13.15 25.43 -2.59
C SER B 26 -12.61 24.21 -3.31
N VAL B 27 -11.39 24.35 -3.86
CA VAL B 27 -10.78 23.20 -4.50
C VAL B 27 -10.66 22.02 -3.51
N ARG B 28 -10.26 22.30 -2.29
CA ARG B 28 -10.19 21.23 -1.29
C ARG B 28 -11.54 20.52 -1.10
N ASP B 29 -12.65 21.30 -0.98
CA ASP B 29 -13.93 20.62 -0.85
C ASP B 29 -14.33 19.86 -2.12
N LEU B 30 -14.00 20.38 -3.31
CA LEU B 30 -14.31 19.64 -4.55
C LEU B 30 -13.50 18.35 -4.65
N LEU B 31 -12.25 18.40 -4.26
CA LEU B 31 -11.42 17.17 -4.30
C LEU B 31 -11.88 16.14 -3.25
N ASP B 32 -12.38 16.60 -2.07
CA ASP B 32 -12.92 15.59 -1.17
C ASP B 32 -14.23 15.02 -1.71
N THR B 33 -15.05 15.85 -2.38
CA THR B 33 -16.29 15.30 -2.95
C THR B 33 -16.00 14.29 -4.06
N ALA B 34 -15.09 14.62 -4.99
CA ALA B 34 -14.74 13.66 -6.04
C ALA B 34 -14.35 12.29 -5.45
N ALA B 35 -13.50 12.31 -4.43
CA ALA B 35 -13.12 11.08 -3.73
C ALA B 35 -14.32 10.39 -3.08
N ALA B 36 -15.13 11.15 -2.29
CA ALA B 36 -16.20 10.50 -1.56
C ALA B 36 -17.20 9.85 -2.51
N LEU B 37 -17.54 10.53 -3.62
CA LEU B 37 -18.52 9.97 -4.54
C LEU B 37 -17.93 9.07 -5.64
N TYR B 38 -16.72 9.31 -6.10
CA TYR B 38 -16.25 8.69 -7.36
C TYR B 38 -14.89 8.04 -7.23
N ARG B 39 -14.33 7.90 -6.04
CA ARG B 39 -12.92 7.49 -5.96
C ARG B 39 -12.65 6.17 -6.69
N ASP B 40 -13.53 5.19 -6.48
CA ASP B 40 -13.32 3.88 -7.10
C ASP B 40 -13.39 3.95 -8.62
N ALA B 41 -14.37 4.67 -9.14
CA ALA B 41 -14.44 4.88 -10.58
C ALA B 41 -13.23 5.64 -11.09
N LEU B 42 -12.79 6.70 -10.38
CA LEU B 42 -11.63 7.47 -10.82
C LEU B 42 -10.35 6.63 -10.85
N GLU B 43 -10.21 5.69 -9.93
CA GLU B 43 -9.00 4.87 -9.85
C GLU B 43 -9.04 3.57 -10.66
N SER B 44 -10.14 3.25 -11.35
CA SER B 44 -10.26 1.97 -12.04
C SER B 44 -9.58 2.03 -13.42
N PRO B 45 -9.38 0.86 -14.03
CA PRO B 45 -8.90 0.83 -15.41
C PRO B 45 -10.00 1.04 -16.44
N GLU B 46 -11.19 1.50 -16.05
CA GLU B 46 -12.26 1.78 -17.01
C GLU B 46 -12.34 3.29 -17.31
N HIS B 47 -12.53 3.62 -18.58
CA HIS B 47 -12.77 5.00 -18.99
C HIS B 47 -13.97 5.59 -18.22
N CYS B 48 -15.06 4.83 -18.13
CA CYS B 48 -16.35 5.13 -17.47
C CYS B 48 -17.05 6.23 -18.24
N SER B 49 -16.41 7.41 -18.44
CA SER B 49 -17.15 8.41 -19.16
C SER B 49 -16.15 9.50 -19.52
N PRO B 50 -16.48 10.39 -20.46
CA PRO B 50 -15.55 11.50 -20.71
C PRO B 50 -15.39 12.42 -19.54
N HIS B 51 -16.40 12.54 -18.65
CA HIS B 51 -16.19 13.32 -17.44
C HIS B 51 -15.15 12.70 -16.56
N HIS B 52 -15.18 11.39 -16.40
CA HIS B 52 -14.12 10.70 -15.63
C HIS B 52 -12.73 10.98 -16.17
N THR B 53 -12.57 10.88 -17.50
CA THR B 53 -11.25 11.13 -18.09
C THR B 53 -10.81 12.57 -17.78
N ALA B 54 -11.74 13.54 -17.86
CA ALA B 54 -11.33 14.92 -17.67
C ALA B 54 -11.00 15.18 -16.21
N LEU B 55 -11.86 14.66 -15.34
CA LEU B 55 -11.68 14.82 -13.91
C LEU B 55 -10.36 14.17 -13.46
N ARG B 56 -10.06 12.98 -13.94
CA ARG B 56 -8.72 12.41 -13.63
C ARG B 56 -7.62 13.36 -14.00
N GLN B 57 -7.66 13.95 -15.22
CA GLN B 57 -6.56 14.85 -15.58
C GLN B 57 -6.55 16.09 -14.73
N ALA B 58 -7.75 16.68 -14.49
CA ALA B 58 -7.82 17.93 -13.77
C ALA B 58 -7.32 17.74 -12.36
N ILE B 59 -7.69 16.64 -11.72
CA ILE B 59 -7.15 16.36 -10.39
C ILE B 59 -5.62 16.27 -10.44
N LEU B 60 -5.08 15.50 -11.38
CA LEU B 60 -3.60 15.44 -11.43
C LEU B 60 -3.01 16.78 -11.81
N CYS B 61 -3.73 17.54 -12.65
CA CYS B 61 -3.16 18.81 -13.06
C CYS B 61 -3.03 19.76 -11.88
N TRP B 62 -4.09 19.87 -11.05
CA TRP B 62 -4.03 20.67 -9.85
C TRP B 62 -2.87 20.23 -8.96
N GLY B 63 -2.71 18.94 -8.76
CA GLY B 63 -1.48 18.46 -8.13
C GLY B 63 -0.20 19.03 -8.73
N ASP B 64 -0.06 19.03 -10.05
CA ASP B 64 1.12 19.67 -10.64
C ASP B 64 1.20 21.16 -10.30
N LEU B 65 0.06 21.89 -10.37
CA LEU B 65 0.09 23.33 -10.15
C LEU B 65 0.50 23.64 -8.74
N MET B 66 -0.03 22.85 -7.77
CA MET B 66 0.36 23.04 -6.36
C MET B 66 1.84 22.75 -6.15
N THR B 67 2.34 21.68 -6.72
CA THR B 67 3.79 21.44 -6.53
C THR B 67 4.58 22.61 -7.05
N LEU B 68 4.18 23.15 -8.19
CA LEU B 68 4.92 24.27 -8.77
C LEU B 68 4.78 25.50 -7.90
N ALA B 69 3.54 25.83 -7.48
CA ALA B 69 3.33 27.01 -6.65
C ALA B 69 4.08 26.89 -5.34
N THR B 70 4.12 25.70 -4.77
CA THR B 70 4.88 25.52 -3.52
C THR B 70 6.37 25.71 -3.73
N TRP B 71 6.90 25.23 -4.85
CA TRP B 71 8.33 25.39 -5.03
C TRP B 71 8.68 26.86 -5.23
N VAL B 72 7.83 27.58 -5.97
CA VAL B 72 7.98 29.03 -6.14
C VAL B 72 7.95 29.72 -4.78
N GLY B 73 6.95 29.41 -3.96
CA GLY B 73 6.84 30.06 -2.67
C GLY B 73 8.01 29.76 -1.78
N THR B 74 8.49 28.51 -1.79
CA THR B 74 9.65 28.15 -0.99
C THR B 74 10.87 28.96 -1.39
N ASN B 75 11.03 29.21 -2.70
CA ASN B 75 12.25 29.81 -3.21
C ASN B 75 12.19 31.32 -3.34
N LEU B 76 11.06 31.96 -3.05
CA LEU B 76 11.01 33.42 -3.07
C LEU B 76 11.63 33.98 -1.79
N GLU B 77 12.40 35.06 -1.94
CA GLU B 77 13.01 35.67 -0.76
C GLU B 77 12.02 36.52 0.01
N ASP B 78 11.01 37.05 -0.65
CA ASP B 78 10.13 38.01 0.02
C ASP B 78 8.87 37.30 0.50
N PRO B 79 8.54 37.35 1.79
CA PRO B 79 7.26 36.78 2.26
C PRO B 79 6.03 37.46 1.65
N ALA B 80 6.13 38.75 1.33
CA ALA B 80 5.03 39.44 0.64
C ALA B 80 4.80 38.88 -0.75
N SER B 81 5.88 38.48 -1.45
CA SER B 81 5.73 37.90 -2.78
C SER B 81 5.10 36.52 -2.71
N ARG B 82 5.38 35.77 -1.64
CA ARG B 82 4.68 34.50 -1.48
C ARG B 82 3.17 34.73 -1.37
N ASP B 83 2.76 35.77 -0.64
CA ASP B 83 1.34 36.15 -0.54
C ASP B 83 0.77 36.50 -1.89
N LEU B 84 1.48 37.30 -2.68
CA LEU B 84 1.04 37.64 -4.03
C LEU B 84 0.83 36.39 -4.89
N VAL B 85 1.75 35.43 -4.85
CA VAL B 85 1.55 34.17 -5.59
C VAL B 85 0.27 33.48 -5.13
N VAL B 86 0.07 33.40 -3.81
CA VAL B 86 -1.14 32.74 -3.30
C VAL B 86 -2.38 33.48 -3.80
N SER B 87 -2.38 34.81 -3.67
CA SER B 87 -3.50 35.62 -4.13
C SER B 87 -3.72 35.42 -5.62
N TYR B 88 -2.62 35.38 -6.39
CA TYR B 88 -2.76 35.29 -7.84
C TYR B 88 -3.38 33.95 -8.23
N VAL B 89 -2.92 32.88 -7.57
CA VAL B 89 -3.46 31.55 -7.81
C VAL B 89 -4.96 31.53 -7.53
N ASN B 90 -5.35 31.99 -6.34
CA ASN B 90 -6.77 31.95 -5.97
C ASN B 90 -7.62 32.78 -6.90
N THR B 91 -7.15 33.95 -7.29
CA THR B 91 -8.05 34.75 -8.16
C THR B 91 -8.10 34.19 -9.59
N ASN B 92 -7.07 33.45 -10.04
CA ASN B 92 -6.97 33.06 -11.44
C ASN B 92 -7.09 31.55 -11.57
N VAL B 93 -5.97 30.79 -11.51
CA VAL B 93 -6.04 29.36 -11.86
C VAL B 93 -6.87 28.61 -10.84
N GLY B 94 -6.81 29.00 -9.57
CA GLY B 94 -7.73 28.41 -8.59
C GLY B 94 -9.21 28.54 -8.95
N LEU B 95 -9.64 29.72 -9.41
CA LEU B 95 -11.03 29.88 -9.85
C LEU B 95 -11.30 28.98 -11.03
N LYS B 96 -10.32 28.86 -11.96
CA LYS B 96 -10.54 28.01 -13.13
C LYS B 96 -10.78 26.55 -12.72
N PHE B 97 -10.01 26.06 -11.76
CA PHE B 97 -10.19 24.64 -11.41
C PHE B 97 -11.40 24.43 -10.49
N ARG B 98 -11.74 25.43 -9.69
CA ARG B 98 -13.05 25.35 -8.98
C ARG B 98 -14.17 25.19 -9.98
N GLN B 99 -14.16 25.99 -11.08
CA GLN B 99 -15.20 25.83 -12.10
C GLN B 99 -15.21 24.46 -12.71
N LEU B 100 -14.02 24.00 -13.09
CA LEU B 100 -13.91 22.79 -13.86
C LEU B 100 -14.25 21.60 -12.99
N LEU B 101 -13.68 21.54 -11.78
CA LEU B 101 -13.98 20.38 -10.93
C LEU B 101 -15.47 20.35 -10.54
N TRP B 102 -16.00 21.53 -10.26
CA TRP B 102 -17.45 21.62 -9.94
C TRP B 102 -18.26 21.07 -11.09
N PHE B 103 -17.87 21.47 -12.30
CA PHE B 103 -18.64 21.12 -13.48
C PHE B 103 -18.72 19.62 -13.66
N HIS B 104 -17.55 18.95 -13.74
CA HIS B 104 -17.55 17.54 -13.99
C HIS B 104 -18.17 16.78 -12.86
N ILE B 105 -17.85 17.16 -11.62
CA ILE B 105 -18.50 16.45 -10.49
C ILE B 105 -20.02 16.67 -10.51
N SER B 106 -20.45 17.87 -10.82
CA SER B 106 -21.91 18.05 -10.78
C SER B 106 -22.59 17.33 -11.96
N CYS B 107 -21.88 17.17 -13.10
CA CYS B 107 -22.52 16.55 -14.25
C CYS B 107 -22.70 15.05 -14.03
N LEU B 108 -21.72 14.43 -13.39
CA LEU B 108 -21.83 13.04 -13.01
C LEU B 108 -22.95 12.85 -12.00
N THR B 109 -23.06 13.74 -11.06
CA THR B 109 -23.97 13.58 -9.94
C THR B 109 -25.41 13.94 -10.31
N PHE B 110 -25.61 14.99 -11.10
CA PHE B 110 -26.95 15.49 -11.39
C PHE B 110 -27.35 15.40 -12.85
N GLY B 111 -26.43 15.04 -13.76
CA GLY B 111 -26.78 15.12 -15.16
C GLY B 111 -26.32 16.38 -15.87
N ARG B 112 -25.73 16.21 -17.06
CA ARG B 112 -25.07 17.32 -17.75
C ARG B 112 -26.08 18.38 -18.24
N GLU B 113 -27.13 17.98 -18.93
CA GLU B 113 -28.16 18.92 -19.39
C GLU B 113 -28.82 19.63 -18.21
N THR B 114 -29.15 18.89 -17.15
CA THR B 114 -29.61 19.52 -15.92
C THR B 114 -28.64 20.59 -15.40
N VAL B 115 -27.36 20.32 -15.44
CA VAL B 115 -26.38 21.27 -14.88
C VAL B 115 -26.30 22.52 -15.73
N LEU B 116 -26.44 22.35 -17.04
CA LEU B 116 -26.29 23.46 -17.96
C LEU B 116 -27.46 24.44 -17.80
N GLU B 117 -28.66 23.89 -17.72
CA GLU B 117 -29.86 24.68 -17.42
C GLU B 117 -29.75 25.34 -16.06
N TYR B 118 -29.24 24.60 -15.08
CA TYR B 118 -29.15 25.12 -13.72
C TYR B 118 -28.21 26.31 -13.69
N LEU B 119 -27.13 26.24 -14.42
N LEU B 119 -27.10 26.22 -14.42
CA LEU B 119 -26.15 27.30 -14.42
CA LEU B 119 -26.09 27.28 -14.52
C LEU B 119 -26.76 28.63 -14.86
C LEU B 119 -26.73 28.62 -14.87
N VAL B 120 -27.54 28.61 -15.93
CA VAL B 120 -28.13 29.83 -16.45
C VAL B 120 -29.20 30.33 -15.47
N SER B 121 -29.93 29.40 -14.85
CA SER B 121 -30.97 29.77 -13.88
C SER B 121 -30.38 30.49 -12.68
N PHE B 122 -29.35 29.91 -12.09
CA PHE B 122 -28.68 30.52 -10.95
C PHE B 122 -28.01 31.86 -11.30
N GLY B 123 -27.34 31.98 -12.48
CA GLY B 123 -26.74 33.25 -12.82
C GLY B 123 -27.79 34.37 -12.95
N VAL B 124 -28.93 34.04 -13.51
CA VAL B 124 -30.06 34.99 -13.54
C VAL B 124 -30.55 35.26 -12.12
N TRP B 125 -30.68 34.24 -11.29
CA TRP B 125 -31.23 34.47 -9.93
C TRP B 125 -30.36 35.48 -9.15
N ILE B 126 -29.05 35.27 -9.15
CA ILE B 126 -28.10 36.00 -8.33
C ILE B 126 -27.88 37.42 -8.84
N ARG B 127 -28.13 37.69 -10.14
CA ARG B 127 -28.09 39.03 -10.69
C ARG B 127 -29.35 39.86 -10.38
N THR B 128 -30.31 39.27 -9.82
CA THR B 128 -31.57 39.96 -9.50
C THR B 128 -31.43 40.74 -8.19
N PRO B 129 -31.76 42.04 -8.17
CA PRO B 129 -31.81 42.76 -6.89
C PRO B 129 -32.63 42.00 -5.87
N PRO B 130 -32.19 41.98 -4.62
CA PRO B 130 -32.85 41.08 -3.65
C PRO B 130 -34.32 41.46 -3.37
N ALA B 131 -34.73 42.72 -3.54
CA ALA B 131 -36.16 42.99 -3.31
C ALA B 131 -37.04 42.23 -4.31
N ALA B 132 -36.53 41.97 -5.53
CA ALA B 132 -37.25 41.26 -6.59
C ALA B 132 -36.86 39.81 -6.71
N ARG B 133 -35.77 39.43 -6.09
CA ARG B 133 -35.24 38.09 -6.25
C ARG B 133 -36.20 37.09 -5.63
N PRO B 134 -36.59 36.04 -6.34
CA PRO B 134 -37.42 35.00 -5.73
C PRO B 134 -36.75 34.38 -4.50
N PRO B 135 -37.52 34.05 -3.48
CA PRO B 135 -36.88 33.65 -2.20
C PRO B 135 -36.02 32.40 -2.30
N ASN B 136 -36.47 31.37 -3.05
CA ASN B 136 -35.72 30.11 -3.22
C ASN B 136 -34.88 30.11 -4.49
N ALA B 137 -33.57 29.92 -4.37
CA ALA B 137 -32.77 29.81 -5.59
C ALA B 137 -33.11 28.50 -6.27
N PRO B 138 -32.80 28.36 -7.57
CA PRO B 138 -33.05 27.07 -8.20
C PRO B 138 -32.14 26.04 -7.54
N ILE B 139 -32.59 24.78 -7.51
CA ILE B 139 -31.79 23.66 -7.03
C ILE B 139 -32.04 22.45 -7.92
N LEU B 140 -31.14 21.47 -7.78
CA LEU B 140 -31.07 20.28 -8.62
C LEU B 140 -31.49 19.02 -7.85
N SER B 141 -31.96 18.03 -8.59
CA SER B 141 -32.34 16.74 -8.03
C SER B 141 -31.29 15.68 -8.38
N THR B 142 -30.99 14.82 -7.41
CA THR B 142 -29.96 13.80 -7.58
C THR B 142 -30.39 12.69 -8.55
N GLU B 150 -24.49 4.18 -15.78
CA GLU B 150 -23.49 4.61 -16.75
C GLU B 150 -24.10 4.86 -18.14
N ASN B 151 -23.86 6.07 -18.63
CA ASN B 151 -24.44 6.57 -19.88
C ASN B 151 -23.64 6.10 -21.09
N LEU B 152 -24.12 6.48 -22.27
CA LEU B 152 -23.46 6.26 -23.55
C LEU B 152 -23.07 7.61 -24.12
N TYR B 153 -21.92 7.66 -24.82
CA TYR B 153 -21.42 8.92 -25.35
C TYR B 153 -20.96 8.73 -26.78
N PHE B 154 -21.36 9.67 -27.64
CA PHE B 154 -21.06 9.62 -29.07
C PHE B 154 -19.78 10.42 -29.36
N GLN B 155 -18.96 9.93 -30.30
CA GLN B 155 -17.64 10.55 -30.58
C GLN B 155 -17.77 11.98 -31.13
N MET C 1 -1.69 -5.44 11.60
CA MET C 1 -2.89 -5.59 10.81
C MET C 1 -3.38 -4.21 10.45
N ASP C 2 -4.28 -4.15 9.49
CA ASP C 2 -4.85 -2.86 9.08
C ASP C 2 -6.35 -3.04 9.05
N ILE C 3 -6.98 -2.85 10.21
CA ILE C 3 -8.40 -3.11 10.35
C ILE C 3 -9.10 -1.77 10.25
N ASP C 4 -10.11 -1.70 9.42
CA ASP C 4 -10.91 -0.48 9.34
C ASP C 4 -12.22 -0.79 10.06
N PRO C 5 -12.54 -0.15 11.17
CA PRO C 5 -13.76 -0.58 11.91
C PRO C 5 -15.08 -0.50 11.10
N TYR C 6 -15.12 0.26 10.01
CA TYR C 6 -16.31 0.41 9.18
C TYR C 6 -16.43 -0.65 8.11
N LYS C 7 -15.33 -1.38 7.77
CA LYS C 7 -15.34 -2.15 6.57
C LYS C 7 -16.35 -3.28 6.64
N GLU C 8 -16.48 -3.96 7.78
CA GLU C 8 -17.48 -5.02 7.72
C GLU C 8 -18.90 -4.43 7.75
N PHE C 9 -19.04 -3.13 7.85
CA PHE C 9 -20.37 -2.53 7.77
C PHE C 9 -20.56 -1.76 6.47
N GLY C 10 -19.69 -1.97 5.49
CA GLY C 10 -19.90 -1.39 4.16
C GLY C 10 -19.49 0.08 4.06
N ALA C 11 -18.68 0.58 4.99
CA ALA C 11 -18.15 1.94 4.92
C ALA C 11 -16.65 1.96 5.15
N THR C 12 -16.09 3.15 5.36
CA THR C 12 -14.67 3.24 5.56
C THR C 12 -14.43 4.43 6.43
N VAL C 13 -13.31 4.46 7.10
CA VAL C 13 -12.90 5.68 7.80
C VAL C 13 -12.92 6.89 6.86
N GLU C 14 -12.41 6.76 5.62
CA GLU C 14 -12.36 7.95 4.78
C GLU C 14 -13.75 8.50 4.51
N LEU C 15 -14.73 7.61 4.30
CA LEU C 15 -16.10 8.04 4.04
C LEU C 15 -16.73 8.76 5.22
N LEU C 16 -16.51 8.26 6.46
CA LEU C 16 -17.03 8.95 7.64
C LEU C 16 -16.35 10.32 7.80
N SER C 17 -15.09 10.40 7.36
N SER C 17 -15.10 10.43 7.39
CA SER C 17 -14.33 11.65 7.37
CA SER C 17 -14.44 11.72 7.51
C SER C 17 -14.94 12.70 6.46
C SER C 17 -14.94 12.71 6.46
N PHE C 18 -15.81 12.31 5.55
CA PHE C 18 -16.43 13.31 4.65
C PHE C 18 -17.44 14.21 5.43
N LEU C 19 -17.94 13.75 6.54
CA LEU C 19 -18.80 14.66 7.38
C LEU C 19 -17.91 15.59 8.21
N PRO C 20 -18.19 16.89 8.25
CA PRO C 20 -17.28 17.77 9.00
C PRO C 20 -17.34 17.46 10.49
N SER C 21 -16.27 17.86 11.18
CA SER C 21 -16.13 17.61 12.63
C SER C 21 -17.34 18.06 13.43
N ASP C 22 -17.94 19.18 13.05
CA ASP C 22 -18.99 19.73 13.89
C ASP C 22 -20.37 19.22 13.48
N PHE C 23 -20.41 18.28 12.53
CA PHE C 23 -21.66 17.60 12.25
C PHE C 23 -22.12 16.75 13.45
N PHE C 24 -21.19 16.06 14.12
CA PHE C 24 -21.59 15.02 15.04
C PHE C 24 -22.00 15.59 16.42
N PRO C 25 -22.91 14.90 17.10
CA PRO C 25 -23.22 15.26 18.50
C PRO C 25 -21.99 15.02 19.38
N SER C 26 -22.06 15.47 20.63
CA SER C 26 -20.94 15.19 21.52
C SER C 26 -20.93 13.69 21.90
N VAL C 27 -19.76 13.19 22.35
CA VAL C 27 -19.76 11.79 22.78
C VAL C 27 -20.81 11.58 23.91
N ARG C 28 -20.87 12.49 24.85
CA ARG C 28 -21.87 12.37 25.93
C ARG C 28 -23.29 12.24 25.36
N ASP C 29 -23.65 13.09 24.39
CA ASP C 29 -24.98 12.99 23.81
C ASP C 29 -25.19 11.70 23.06
N LEU C 30 -24.14 11.17 22.41
CA LEU C 30 -24.29 9.91 21.71
C LEU C 30 -24.49 8.76 22.70
N LEU C 31 -23.74 8.77 23.78
CA LEU C 31 -23.89 7.72 24.80
C LEU C 31 -25.26 7.82 25.48
N ASP C 32 -25.73 9.04 25.74
CA ASP C 32 -27.12 9.18 26.26
C ASP C 32 -28.12 8.68 25.25
N THR C 33 -27.85 8.84 23.95
CA THR C 33 -28.81 8.34 22.98
C THR C 33 -28.78 6.83 22.93
N ALA C 34 -27.57 6.22 22.88
CA ALA C 34 -27.47 4.78 22.83
C ALA C 34 -28.26 4.18 23.99
N ALA C 35 -28.10 4.76 25.16
CA ALA C 35 -28.87 4.30 26.30
C ALA C 35 -30.38 4.51 26.11
N ALA C 36 -30.81 5.73 25.80
CA ALA C 36 -32.24 5.95 25.70
C ALA C 36 -32.88 5.00 24.69
N LEU C 37 -32.20 4.72 23.60
CA LEU C 37 -32.82 3.95 22.52
C LEU C 37 -32.58 2.45 22.59
N TYR C 38 -31.40 1.99 23.07
CA TYR C 38 -30.94 0.61 22.94
C TYR C 38 -30.46 -0.01 24.23
N ARG C 39 -30.64 0.63 25.39
CA ARG C 39 -30.02 0.10 26.60
C ARG C 39 -30.37 -1.39 26.82
N ASP C 40 -31.65 -1.71 26.81
CA ASP C 40 -32.04 -3.08 27.09
C ASP C 40 -31.32 -4.05 26.15
N ALA C 41 -31.33 -3.75 24.85
CA ALA C 41 -30.65 -4.63 23.89
C ALA C 41 -29.14 -4.73 24.13
N LEU C 42 -28.49 -3.57 24.37
CA LEU C 42 -27.05 -3.53 24.60
C LEU C 42 -26.65 -4.32 25.83
N GLU C 43 -27.48 -4.32 26.85
CA GLU C 43 -27.20 -5.04 28.10
C GLU C 43 -27.63 -6.50 28.07
N SER C 44 -28.25 -6.99 26.98
CA SER C 44 -28.80 -8.33 27.00
C SER C 44 -27.77 -9.44 26.71
N PRO C 45 -28.13 -10.68 26.99
CA PRO C 45 -27.29 -11.81 26.60
C PRO C 45 -27.38 -12.15 25.12
N GLU C 46 -28.09 -11.40 24.30
CA GLU C 46 -28.22 -11.67 22.87
C GLU C 46 -27.27 -10.76 22.09
N HIS C 47 -26.64 -11.31 21.03
CA HIS C 47 -25.82 -10.52 20.14
C HIS C 47 -26.60 -9.34 19.56
N CYS C 48 -27.82 -9.61 19.11
CA CYS C 48 -28.80 -8.71 18.48
C CYS C 48 -28.37 -8.38 17.05
N SER C 49 -27.19 -7.79 16.86
CA SER C 49 -26.73 -7.50 15.51
C SER C 49 -25.25 -7.20 15.56
N PRO C 50 -24.58 -7.13 14.41
CA PRO C 50 -23.18 -6.75 14.46
C PRO C 50 -22.99 -5.32 14.92
N HIS C 51 -23.95 -4.40 14.65
CA HIS C 51 -23.82 -3.04 15.16
C HIS C 51 -23.90 -3.03 16.68
N HIS C 52 -24.67 -3.93 17.28
CA HIS C 52 -24.79 -3.93 18.74
C HIS C 52 -23.49 -4.46 19.35
N THR C 53 -22.96 -5.52 18.77
CA THR C 53 -21.63 -6.04 19.23
C THR C 53 -20.57 -4.93 19.17
N ALA C 54 -20.51 -4.20 18.04
CA ALA C 54 -19.53 -3.11 17.91
C ALA C 54 -19.79 -1.99 18.89
N LEU C 55 -21.06 -1.54 18.92
CA LEU C 55 -21.43 -0.46 19.83
C LEU C 55 -21.06 -0.82 21.27
N ARG C 56 -21.39 -2.04 21.69
CA ARG C 56 -21.01 -2.45 23.04
C ARG C 56 -19.52 -2.20 23.31
N GLN C 57 -18.65 -2.59 22.32
CA GLN C 57 -17.22 -2.46 22.58
C GLN C 57 -16.83 -1.01 22.58
N ALA C 58 -17.41 -0.20 21.64
CA ALA C 58 -17.00 1.19 21.55
C ALA C 58 -17.38 1.93 22.82
N ILE C 59 -18.57 1.64 23.35
CA ILE C 59 -18.98 2.28 24.60
C ILE C 59 -18.01 1.96 25.70
N LEU C 60 -17.68 0.69 25.87
CA LEU C 60 -16.69 0.29 26.86
C LEU C 60 -15.30 0.86 26.57
N CYS C 61 -14.87 0.89 25.27
CA CYS C 61 -13.57 1.45 25.00
C CYS C 61 -13.52 2.93 25.38
N TRP C 62 -14.62 3.66 25.08
CA TRP C 62 -14.63 5.08 25.43
C TRP C 62 -14.48 5.25 26.94
N GLY C 63 -15.14 4.41 27.74
CA GLY C 63 -14.97 4.49 29.19
C GLY C 63 -13.52 4.29 29.60
N ASP C 64 -12.86 3.30 29.00
CA ASP C 64 -11.41 3.11 29.25
C ASP C 64 -10.62 4.36 28.87
N LEU C 65 -10.89 4.91 27.66
CA LEU C 65 -10.15 6.10 27.25
C LEU C 65 -10.38 7.27 28.21
N MET C 66 -11.64 7.47 28.65
CA MET C 66 -11.97 8.56 29.56
C MET C 66 -11.37 8.36 30.92
N THR C 67 -11.41 7.14 31.45
CA THR C 67 -10.69 6.87 32.69
C THR C 67 -9.23 7.31 32.60
N LEU C 68 -8.55 6.93 31.50
CA LEU C 68 -7.16 7.33 31.35
C LEU C 68 -7.01 8.87 31.23
N ALA C 69 -7.84 9.48 30.38
CA ALA C 69 -7.72 10.92 30.15
C ALA C 69 -8.07 11.69 31.39
N THR C 70 -9.08 11.24 32.15
CA THR C 70 -9.45 11.89 33.40
C THR C 70 -8.30 11.79 34.39
N TRP C 71 -7.69 10.62 34.48
CA TRP C 71 -6.58 10.43 35.39
C TRP C 71 -5.43 11.41 35.08
N VAL C 72 -5.14 11.63 33.80
CA VAL C 72 -4.13 12.63 33.45
C VAL C 72 -4.64 14.03 33.75
N GLY C 73 -5.86 14.34 33.30
CA GLY C 73 -6.39 15.67 33.50
C GLY C 73 -6.38 16.11 34.95
N THR C 74 -6.80 15.24 35.85
CA THR C 74 -6.92 15.65 37.25
C THR C 74 -5.58 15.78 37.93
N ASN C 75 -4.59 15.00 37.50
CA ASN C 75 -3.27 15.03 38.09
C ASN C 75 -2.33 16.05 37.47
N LEU C 76 -2.77 16.76 36.43
CA LEU C 76 -2.07 17.96 35.98
C LEU C 76 -2.48 19.14 36.87
N GLU C 77 -1.53 20.06 37.09
CA GLU C 77 -1.73 21.24 37.95
C GLU C 77 -1.58 22.53 37.17
N ASP C 78 -1.75 22.46 35.85
CA ASP C 78 -1.52 23.59 34.95
C ASP C 78 -2.73 23.66 34.03
N PRO C 79 -3.47 24.77 34.02
CA PRO C 79 -4.65 24.82 33.12
C PRO C 79 -4.28 24.75 31.63
N ALA C 80 -3.17 25.39 31.23
CA ALA C 80 -2.62 25.22 29.89
C ALA C 80 -2.46 23.76 29.50
N SER C 81 -1.85 22.97 30.37
CA SER C 81 -1.58 21.57 30.05
C SER C 81 -2.88 20.75 30.03
N ARG C 82 -3.78 20.98 31.01
CA ARG C 82 -5.12 20.39 30.95
C ARG C 82 -5.81 20.75 29.65
N ASP C 83 -5.73 22.02 29.22
CA ASP C 83 -6.38 22.37 27.97
C ASP C 83 -5.75 21.65 26.78
N LEU C 84 -4.44 21.42 26.83
CA LEU C 84 -3.77 20.67 25.78
C LEU C 84 -4.28 19.22 25.68
N VAL C 85 -4.50 18.55 26.82
CA VAL C 85 -5.05 17.20 26.77
C VAL C 85 -6.44 17.21 26.15
N VAL C 86 -7.33 18.05 26.68
CA VAL C 86 -8.70 18.13 26.18
C VAL C 86 -8.71 18.41 24.68
N SER C 87 -7.88 19.35 24.25
CA SER C 87 -7.81 19.68 22.83
C SER C 87 -7.32 18.49 22.01
N TYR C 88 -6.32 17.78 22.53
CA TYR C 88 -5.80 16.64 21.81
C TYR C 88 -6.85 15.53 21.71
N VAL C 89 -7.57 15.30 22.80
CA VAL C 89 -8.66 14.33 22.77
C VAL C 89 -9.78 14.80 21.83
N ASN C 90 -10.14 16.06 21.89
CA ASN C 90 -11.25 16.52 21.04
C ASN C 90 -10.91 16.46 19.57
N THR C 91 -9.66 16.76 19.22
CA THR C 91 -9.24 16.70 17.83
C THR C 91 -9.15 15.28 17.31
N ASN C 92 -8.67 14.33 18.13
CA ASN C 92 -8.24 13.05 17.61
C ASN C 92 -9.20 11.97 18.04
N VAL C 93 -8.98 11.29 19.17
CA VAL C 93 -9.82 10.12 19.50
C VAL C 93 -11.28 10.53 19.84
N GLY C 94 -11.50 11.71 20.37
CA GLY C 94 -12.90 12.18 20.54
C GLY C 94 -13.69 12.24 19.23
N LEU C 95 -13.07 12.78 18.15
CA LEU C 95 -13.74 12.81 16.85
C LEU C 95 -13.98 11.42 16.32
N LYS C 96 -12.97 10.55 16.49
CA LYS C 96 -13.11 9.19 16.03
C LYS C 96 -14.30 8.50 16.64
N PHE C 97 -14.42 8.57 17.97
CA PHE C 97 -15.59 7.93 18.62
C PHE C 97 -16.91 8.67 18.36
N ARG C 98 -16.88 9.96 18.12
CA ARG C 98 -18.16 10.61 17.71
C ARG C 98 -18.60 10.09 16.35
N GLN C 99 -17.64 9.88 15.42
CA GLN C 99 -18.00 9.28 14.14
C GLN C 99 -18.54 7.89 14.34
N LEU C 100 -17.84 7.09 15.12
CA LEU C 100 -18.17 5.67 15.17
C LEU C 100 -19.48 5.46 15.91
N LEU C 101 -19.65 6.12 17.05
CA LEU C 101 -20.95 5.96 17.78
C LEU C 101 -22.12 6.50 16.98
N TRP C 102 -21.91 7.61 16.29
CA TRP C 102 -23.01 8.14 15.48
C TRP C 102 -23.34 7.15 14.42
N PHE C 103 -22.33 6.50 13.82
CA PHE C 103 -22.57 5.60 12.70
C PHE C 103 -23.41 4.40 13.13
N HIS C 104 -22.98 3.75 14.19
CA HIS C 104 -23.72 2.57 14.65
C HIS C 104 -25.10 2.95 15.19
N ILE C 105 -25.20 4.05 15.90
CA ILE C 105 -26.55 4.41 16.44
C ILE C 105 -27.49 4.75 15.29
N SER C 106 -26.97 5.45 14.27
CA SER C 106 -27.87 5.84 13.17
C SER C 106 -28.17 4.65 12.26
N CYS C 107 -27.21 3.73 12.07
CA CYS C 107 -27.52 2.52 11.32
C CYS C 107 -28.60 1.69 12.00
N LEU C 108 -28.49 1.53 13.30
CA LEU C 108 -29.55 0.78 13.96
C LEU C 108 -30.89 1.48 13.89
N THR C 109 -30.92 2.81 13.91
CA THR C 109 -32.22 3.52 13.97
C THR C 109 -32.83 3.75 12.59
N PHE C 110 -32.03 3.97 11.55
CA PHE C 110 -32.54 4.34 10.22
C PHE C 110 -32.10 3.39 9.11
N GLY C 111 -31.14 2.49 9.37
CA GLY C 111 -30.70 1.55 8.35
C GLY C 111 -29.40 1.99 7.67
N ARG C 112 -28.55 1.01 7.31
CA ARG C 112 -27.22 1.28 6.79
C ARG C 112 -27.24 2.04 5.45
N GLU C 113 -28.06 1.57 4.50
CA GLU C 113 -28.13 2.21 3.18
C GLU C 113 -28.65 3.65 3.26
N THR C 114 -29.71 3.88 4.05
CA THR C 114 -30.20 5.22 4.33
C THR C 114 -29.11 6.11 4.92
N VAL C 115 -28.35 5.58 5.87
CA VAL C 115 -27.32 6.38 6.52
C VAL C 115 -26.20 6.74 5.53
N LEU C 116 -25.82 5.80 4.68
CA LEU C 116 -24.71 6.09 3.78
C LEU C 116 -25.11 7.09 2.72
N GLU C 117 -26.29 6.94 2.15
CA GLU C 117 -26.76 7.93 1.17
C GLU C 117 -26.89 9.31 1.80
N TYR C 118 -27.46 9.39 3.00
CA TYR C 118 -27.55 10.64 3.74
C TYR C 118 -26.18 11.29 4.00
N LEU C 119 -25.21 10.50 4.46
CA LEU C 119 -23.89 10.99 4.75
C LEU C 119 -23.30 11.75 3.56
N VAL C 120 -23.44 11.18 2.38
CA VAL C 120 -22.83 11.84 1.21
C VAL C 120 -23.63 13.09 0.80
N SER C 121 -24.95 13.05 1.00
CA SER C 121 -25.79 14.21 0.69
C SER C 121 -25.41 15.36 1.60
N PHE C 122 -25.37 15.10 2.88
CA PHE C 122 -25.00 16.14 3.80
C PHE C 122 -23.64 16.71 3.49
N GLY C 123 -22.62 15.83 3.30
CA GLY C 123 -21.30 16.29 2.97
C GLY C 123 -21.29 17.19 1.74
N VAL C 124 -22.04 16.82 0.72
CA VAL C 124 -22.18 17.74 -0.43
C VAL C 124 -22.87 19.04 0.01
N TRP C 125 -23.96 18.94 0.78
CA TRP C 125 -24.72 20.14 1.09
C TRP C 125 -23.85 21.15 1.85
N ILE C 126 -23.12 20.70 2.85
CA ILE C 126 -22.36 21.58 3.73
C ILE C 126 -21.20 22.25 2.98
N ARG C 127 -20.66 21.61 1.93
CA ARG C 127 -19.58 22.19 1.15
C ARG C 127 -20.07 23.23 0.16
N THR C 128 -21.35 23.38 0.00
CA THR C 128 -21.90 24.33 -0.95
C THR C 128 -21.89 25.70 -0.30
N PRO C 129 -21.31 26.72 -0.94
CA PRO C 129 -21.32 28.08 -0.37
C PRO C 129 -22.74 28.51 -0.03
N PRO C 130 -22.94 29.28 1.03
CA PRO C 130 -24.33 29.52 1.48
C PRO C 130 -25.25 30.20 0.44
N ALA C 131 -24.71 30.94 -0.53
CA ALA C 131 -25.62 31.64 -1.43
C ALA C 131 -26.36 30.66 -2.34
N ALA C 132 -25.75 29.48 -2.55
CA ALA C 132 -26.28 28.49 -3.48
C ALA C 132 -26.77 27.26 -2.77
N ARG C 133 -26.54 27.19 -1.49
CA ARG C 133 -26.88 26.01 -0.71
C ARG C 133 -28.38 25.90 -0.61
N PRO C 134 -28.97 24.74 -0.85
CA PRO C 134 -30.41 24.56 -0.66
C PRO C 134 -30.85 24.93 0.76
N PRO C 135 -32.04 25.51 0.89
CA PRO C 135 -32.45 25.99 2.21
C PRO C 135 -32.52 24.88 3.21
N ASN C 136 -33.01 23.73 2.76
CA ASN C 136 -33.22 22.56 3.61
C ASN C 136 -32.08 21.56 3.44
N ALA C 137 -31.42 21.24 4.52
CA ALA C 137 -30.41 20.23 4.47
C ALA C 137 -31.09 18.87 4.30
N PRO C 138 -30.37 17.90 3.76
CA PRO C 138 -30.88 16.53 3.70
C PRO C 138 -31.24 16.00 5.09
N ILE C 139 -32.22 15.10 5.10
CA ILE C 139 -32.69 14.49 6.33
C ILE C 139 -32.68 12.97 6.21
N LEU C 140 -32.34 12.30 7.31
CA LEU C 140 -32.47 10.85 7.44
C LEU C 140 -33.90 10.46 7.72
N SER C 141 -34.50 9.62 6.88
CA SER C 141 -35.74 8.92 7.29
C SER C 141 -36.02 7.68 6.44
N MET D 1 -25.08 3.12 32.03
CA MET D 1 -25.33 1.84 31.39
C MET D 1 -24.34 0.79 31.94
N ASP D 2 -24.71 -0.50 32.02
CA ASP D 2 -23.83 -1.52 32.64
C ASP D 2 -23.68 -2.70 31.67
N ILE D 3 -22.65 -2.63 30.83
CA ILE D 3 -22.47 -3.58 29.75
C ILE D 3 -21.31 -4.47 30.14
N ASP D 4 -21.52 -5.78 30.08
CA ASP D 4 -20.45 -6.75 30.27
C ASP D 4 -20.04 -7.23 28.87
N PRO D 5 -18.81 -6.98 28.43
CA PRO D 5 -18.39 -7.45 27.08
C PRO D 5 -18.54 -8.94 26.85
N TYR D 6 -18.54 -9.79 27.88
CA TYR D 6 -18.68 -11.23 27.68
C TYR D 6 -20.12 -11.72 27.69
N LYS D 7 -21.10 -10.89 28.12
CA LYS D 7 -22.46 -11.40 28.31
C LYS D 7 -23.06 -11.96 27.01
N GLU D 8 -22.93 -11.24 25.89
CA GLU D 8 -23.49 -11.81 24.65
C GLU D 8 -22.74 -13.06 24.18
N PHE D 9 -21.60 -13.35 24.78
CA PHE D 9 -20.85 -14.54 24.42
C PHE D 9 -20.95 -15.65 25.48
N GLY D 10 -21.87 -15.50 26.44
CA GLY D 10 -22.21 -16.57 27.36
C GLY D 10 -21.31 -16.65 28.56
N ALA D 11 -20.62 -15.56 28.89
CA ALA D 11 -19.61 -15.58 29.93
C ALA D 11 -19.75 -14.28 30.68
N THR D 12 -18.85 -14.01 31.62
CA THR D 12 -18.92 -12.75 32.34
C THR D 12 -17.54 -12.29 32.71
N VAL D 13 -17.43 -11.00 33.06
CA VAL D 13 -16.13 -10.55 33.57
C VAL D 13 -15.69 -11.40 34.77
N GLU D 14 -16.60 -11.70 35.73
CA GLU D 14 -16.19 -12.46 36.91
C GLU D 14 -15.60 -13.81 36.52
N LEU D 15 -16.16 -14.46 35.51
CA LEU D 15 -15.67 -15.77 35.10
C LEU D 15 -14.25 -15.70 34.53
N LEU D 16 -13.99 -14.74 33.61
CA LEU D 16 -12.62 -14.60 33.06
C LEU D 16 -11.63 -14.28 34.16
N SER D 17 -12.10 -13.62 35.19
CA SER D 17 -11.20 -13.26 36.26
C SER D 17 -10.92 -14.44 37.18
N PHE D 18 -11.57 -15.59 36.96
CA PHE D 18 -11.19 -16.81 37.66
C PHE D 18 -9.81 -17.32 37.21
N LEU D 19 -9.36 -16.96 35.98
CA LEU D 19 -7.99 -17.32 35.59
C LEU D 19 -7.02 -16.34 36.24
N PRO D 20 -5.89 -16.81 36.77
CA PRO D 20 -4.92 -15.89 37.42
C PRO D 20 -4.44 -14.86 36.43
N SER D 21 -4.04 -13.69 36.95
CA SER D 21 -3.60 -12.64 36.06
C SER D 21 -2.37 -13.04 35.25
N ASP D 22 -1.55 -13.95 35.78
CA ASP D 22 -0.35 -14.32 35.06
C ASP D 22 -0.54 -15.48 34.08
N PHE D 23 -1.76 -16.01 33.92
CA PHE D 23 -2.08 -17.05 32.93
C PHE D 23 -1.99 -16.52 31.50
N PHE D 24 -2.41 -15.24 31.29
CA PHE D 24 -2.64 -14.73 29.96
C PHE D 24 -1.33 -14.33 29.28
N PRO D 25 -1.19 -14.57 27.98
CA PRO D 25 -0.05 -13.98 27.28
C PRO D 25 -0.08 -12.45 27.39
N SER D 26 1.01 -11.84 27.00
CA SER D 26 1.02 -10.38 26.90
C SER D 26 0.11 -9.89 25.76
N VAL D 27 -0.28 -8.62 25.81
CA VAL D 27 -1.11 -8.08 24.74
C VAL D 27 -0.40 -8.18 23.38
N ARG D 28 0.84 -7.77 23.33
CA ARG D 28 1.64 -7.87 22.09
C ARG D 28 1.59 -9.27 21.50
N ASP D 29 1.82 -10.28 22.34
CA ASP D 29 1.73 -11.68 21.94
C ASP D 29 0.33 -12.11 21.50
N LEU D 30 -0.74 -11.64 22.20
CA LEU D 30 -2.11 -11.86 21.72
C LEU D 30 -2.35 -11.23 20.35
N LEU D 31 -1.89 -9.99 20.16
CA LEU D 31 -2.10 -9.33 18.87
C LEU D 31 -1.32 -10.03 17.73
N ASP D 32 -0.12 -10.54 18.04
CA ASP D 32 0.62 -11.28 17.01
C ASP D 32 -0.14 -12.54 16.59
N THR D 33 -0.75 -13.22 17.58
CA THR D 33 -1.49 -14.46 17.33
C THR D 33 -2.74 -14.19 16.52
N ALA D 34 -3.51 -13.15 16.91
CA ALA D 34 -4.69 -12.76 16.13
C ALA D 34 -4.28 -12.57 14.67
N ALA D 35 -3.22 -11.82 14.44
CA ALA D 35 -2.75 -11.68 13.04
C ALA D 35 -2.42 -13.03 12.44
N ALA D 36 -1.59 -13.85 13.13
CA ALA D 36 -1.11 -15.06 12.47
C ALA D 36 -2.28 -15.98 12.12
N LEU D 37 -3.27 -16.08 13.02
CA LEU D 37 -4.37 -17.02 12.81
C LEU D 37 -5.55 -16.42 12.04
N TYR D 38 -5.82 -15.12 12.17
CA TYR D 38 -7.07 -14.55 11.66
C TYR D 38 -6.92 -13.28 10.81
N ARG D 39 -5.72 -12.92 10.35
CA ARG D 39 -5.55 -11.62 9.68
C ARG D 39 -6.53 -11.46 8.53
N ASP D 40 -6.69 -12.50 7.70
CA ASP D 40 -7.48 -12.31 6.50
C ASP D 40 -8.95 -12.06 6.86
N ALA D 41 -9.46 -12.76 7.86
CA ALA D 41 -10.84 -12.62 8.30
C ALA D 41 -11.07 -11.28 8.98
N LEU D 42 -10.16 -10.92 9.88
CA LEU D 42 -10.28 -9.66 10.59
C LEU D 42 -10.29 -8.49 9.64
N GLU D 43 -9.50 -8.55 8.59
CA GLU D 43 -9.43 -7.45 7.61
C GLU D 43 -10.49 -7.53 6.48
N SER D 44 -11.34 -8.53 6.42
CA SER D 44 -12.17 -8.68 5.27
C SER D 44 -13.43 -7.80 5.39
N PRO D 45 -14.17 -7.63 4.29
CA PRO D 45 -15.48 -6.95 4.36
C PRO D 45 -16.59 -7.76 5.00
N GLU D 46 -16.37 -9.00 5.46
CA GLU D 46 -17.46 -9.80 6.03
C GLU D 46 -17.41 -9.78 7.55
N HIS D 47 -18.59 -9.66 8.20
CA HIS D 47 -18.69 -9.81 9.64
C HIS D 47 -17.97 -11.07 10.13
N CYS D 48 -18.23 -12.20 9.47
CA CYS D 48 -17.69 -13.52 9.79
C CYS D 48 -18.35 -14.08 11.04
N SER D 49 -18.26 -13.39 12.17
CA SER D 49 -18.92 -13.88 13.36
C SER D 49 -18.88 -12.80 14.41
N PRO D 50 -19.72 -12.90 15.43
CA PRO D 50 -19.67 -11.91 16.52
C PRO D 50 -18.33 -11.85 17.19
N HIS D 51 -17.65 -12.98 17.29
CA HIS D 51 -16.30 -12.96 17.84
C HIS D 51 -15.36 -12.11 17.01
N HIS D 52 -15.42 -12.24 15.69
CA HIS D 52 -14.58 -11.41 14.79
C HIS D 52 -14.87 -9.92 14.97
N THR D 53 -16.17 -9.58 14.99
CA THR D 53 -16.52 -8.17 15.19
C THR D 53 -15.99 -7.68 16.52
N ALA D 54 -16.13 -8.49 17.57
CA ALA D 54 -15.66 -7.98 18.87
C ALA D 54 -14.14 -7.92 18.88
N LEU D 55 -13.49 -8.94 18.35
CA LEU D 55 -12.04 -8.94 18.28
C LEU D 55 -11.56 -7.74 17.46
N ARG D 56 -12.21 -7.42 16.35
CA ARG D 56 -11.75 -6.20 15.64
C ARG D 56 -11.74 -4.99 16.54
N GLN D 57 -12.82 -4.79 17.36
CA GLN D 57 -12.86 -3.55 18.11
C GLN D 57 -11.84 -3.57 19.20
N ALA D 58 -11.69 -4.73 19.85
CA ALA D 58 -10.71 -4.86 20.92
C ALA D 58 -9.32 -4.44 20.44
N ILE D 59 -8.93 -4.95 19.27
CA ILE D 59 -7.59 -4.62 18.74
C ILE D 59 -7.47 -3.13 18.48
N LEU D 60 -8.46 -2.55 17.79
CA LEU D 60 -8.41 -1.09 17.59
C LEU D 60 -8.43 -0.32 18.90
N CYS D 61 -9.26 -0.74 19.88
CA CYS D 61 -9.31 -0.01 21.16
C CYS D 61 -7.97 -0.05 21.87
N TRP D 62 -7.30 -1.20 21.87
CA TRP D 62 -5.94 -1.17 22.43
C TRP D 62 -5.08 -0.15 21.71
N GLY D 63 -5.13 -0.10 20.38
CA GLY D 63 -4.31 0.92 19.71
C GLY D 63 -4.67 2.35 20.09
N ASP D 64 -5.99 2.67 20.22
CA ASP D 64 -6.41 3.98 20.78
C ASP D 64 -5.77 4.25 22.13
N LEU D 65 -5.88 3.26 23.04
CA LEU D 65 -5.29 3.43 24.35
C LEU D 65 -3.81 3.70 24.24
N MET D 66 -3.10 2.91 23.41
CA MET D 66 -1.64 3.09 23.30
C MET D 66 -1.30 4.43 22.66
N THR D 67 -2.05 4.82 21.62
CA THR D 67 -1.81 6.16 21.05
C THR D 67 -1.95 7.25 22.10
N LEU D 68 -3.06 7.26 22.85
CA LEU D 68 -3.23 8.28 23.84
C LEU D 68 -2.16 8.19 24.90
N ALA D 69 -1.91 6.98 25.43
CA ALA D 69 -0.88 6.84 26.46
C ALA D 69 0.48 7.31 25.94
N THR D 70 0.82 6.96 24.68
CA THR D 70 2.14 7.38 24.20
C THR D 70 2.20 8.89 24.05
N TRP D 71 1.12 9.51 23.54
CA TRP D 71 1.16 10.96 23.40
C TRP D 71 1.31 11.65 24.74
N VAL D 72 0.63 11.13 25.77
CA VAL D 72 0.79 11.71 27.11
C VAL D 72 2.23 11.50 27.60
N GLY D 73 2.76 10.29 27.44
CA GLY D 73 4.19 10.06 27.73
C GLY D 73 5.08 11.10 27.09
N THR D 74 4.85 11.40 25.81
CA THR D 74 5.66 12.35 25.06
C THR D 74 5.66 13.77 25.63
N ASN D 75 4.65 14.15 26.39
CA ASN D 75 4.59 15.49 26.94
C ASN D 75 5.14 15.60 28.34
N LEU D 76 5.33 14.49 29.05
CA LEU D 76 5.80 14.54 30.42
C LEU D 76 7.28 14.91 30.53
N GLU D 77 7.57 15.80 31.49
CA GLU D 77 8.93 16.25 31.84
C GLU D 77 9.70 15.17 32.61
N ASP D 78 9.04 14.53 33.60
CA ASP D 78 9.66 13.62 34.58
C ASP D 78 9.81 12.21 34.00
N PRO D 79 10.98 11.58 34.10
CA PRO D 79 11.09 10.17 33.66
C PRO D 79 10.28 9.20 34.51
N ALA D 80 10.13 9.46 35.81
CA ALA D 80 9.35 8.59 36.69
C ALA D 80 7.85 8.68 36.42
N SER D 81 7.35 9.80 35.87
CA SER D 81 5.92 9.87 35.57
C SER D 81 5.56 9.04 34.32
N ARG D 82 6.51 8.90 33.37
CA ARG D 82 6.32 8.04 32.19
C ARG D 82 6.14 6.58 32.60
N ASP D 83 7.03 6.10 33.49
CA ASP D 83 6.97 4.74 33.99
C ASP D 83 5.80 4.51 34.94
N LEU D 84 5.17 5.57 35.46
CA LEU D 84 3.90 5.42 36.16
C LEU D 84 2.72 5.32 35.18
N VAL D 85 2.80 5.91 33.98
CA VAL D 85 1.81 5.61 32.94
C VAL D 85 1.88 4.14 32.56
N VAL D 86 3.06 3.66 32.13
CA VAL D 86 3.28 2.26 31.82
C VAL D 86 2.63 1.39 32.88
N SER D 87 3.06 1.56 34.14
CA SER D 87 2.46 0.76 35.19
C SER D 87 0.95 0.93 35.24
N TYR D 88 0.46 2.10 34.82
CA TYR D 88 -0.95 2.46 34.96
C TYR D 88 -1.81 1.68 33.98
N VAL D 89 -1.43 1.69 32.70
CA VAL D 89 -2.16 0.92 31.69
C VAL D 89 -1.97 -0.57 31.89
N ASN D 90 -0.72 -1.02 32.09
N ASN D 90 -0.76 -1.02 32.23
CA ASN D 90 -0.44 -2.41 32.44
CA ASN D 90 -0.51 -2.45 32.37
C ASN D 90 -1.42 -2.87 33.49
C ASN D 90 -1.08 -3.03 33.64
N THR D 91 -1.41 -2.21 34.64
CA THR D 91 -2.14 -2.73 35.79
C THR D 91 -3.63 -2.68 35.51
N ASN D 92 -4.13 -1.48 35.16
CA ASN D 92 -5.57 -1.24 35.13
C ASN D 92 -6.22 -1.82 33.87
N VAL D 93 -5.64 -1.58 32.71
CA VAL D 93 -6.29 -1.94 31.47
C VAL D 93 -5.62 -3.13 30.75
N GLY D 94 -4.31 -3.30 30.92
CA GLY D 94 -3.62 -4.46 30.33
C GLY D 94 -4.28 -5.79 30.68
N LEU D 95 -4.52 -6.02 31.95
CA LEU D 95 -5.13 -7.28 32.33
C LEU D 95 -6.46 -7.46 31.64
N LYS D 96 -7.25 -6.38 31.58
CA LYS D 96 -8.58 -6.49 31.02
C LYS D 96 -8.50 -6.85 29.54
N PHE D 97 -7.59 -6.22 28.80
CA PHE D 97 -7.49 -6.60 27.38
C PHE D 97 -6.81 -7.97 27.16
N ARG D 98 -5.89 -8.36 28.02
CA ARG D 98 -5.35 -9.70 27.85
C ARG D 98 -6.44 -10.72 27.98
N GLN D 99 -7.40 -10.49 28.92
CA GLN D 99 -8.50 -11.43 29.10
C GLN D 99 -9.35 -11.50 27.87
N LEU D 100 -9.68 -10.32 27.34
CA LEU D 100 -10.63 -10.21 26.25
C LEU D 100 -10.01 -10.72 24.94
N LEU D 101 -8.78 -10.36 24.68
CA LEU D 101 -8.18 -10.89 23.45
C LEU D 101 -8.00 -12.38 23.54
N TRP D 102 -7.58 -12.88 24.71
CA TRP D 102 -7.39 -14.34 24.83
C TRP D 102 -8.70 -15.03 24.60
N PHE D 103 -9.79 -14.48 25.21
CA PHE D 103 -11.10 -15.09 25.09
C PHE D 103 -11.56 -15.18 23.65
N HIS D 104 -11.55 -14.08 22.91
CA HIS D 104 -11.99 -14.21 21.52
C HIS D 104 -11.03 -15.03 20.67
N ILE D 105 -9.74 -14.87 20.83
CA ILE D 105 -8.85 -15.73 19.98
C ILE D 105 -9.07 -17.18 20.28
N SER D 106 -9.24 -17.52 21.57
CA SER D 106 -9.40 -18.96 21.86
C SER D 106 -10.75 -19.47 21.43
N CYS D 107 -11.84 -18.68 21.64
CA CYS D 107 -13.16 -19.12 21.17
C CYS D 107 -13.17 -19.35 19.65
N LEU D 108 -12.60 -18.40 18.90
CA LEU D 108 -12.42 -18.61 17.45
C LEU D 108 -11.67 -19.90 17.10
N THR D 109 -10.74 -20.33 17.94
CA THR D 109 -9.96 -21.52 17.56
C THR D 109 -10.58 -22.82 18.08
N PHE D 110 -11.22 -22.79 19.24
CA PHE D 110 -11.68 -24.03 19.86
C PHE D 110 -13.15 -24.04 20.16
N GLY D 111 -13.84 -22.89 20.07
CA GLY D 111 -15.28 -22.89 20.36
C GLY D 111 -15.59 -22.44 21.77
N ARG D 112 -16.72 -21.73 21.91
CA ARG D 112 -17.10 -21.14 23.19
C ARG D 112 -17.18 -22.18 24.31
N GLU D 113 -17.88 -23.30 24.07
CA GLU D 113 -18.11 -24.19 25.20
C GLU D 113 -16.84 -24.91 25.62
N THR D 114 -16.02 -25.34 24.67
CA THR D 114 -14.71 -25.90 25.00
C THR D 114 -13.94 -24.93 25.88
N VAL D 115 -13.94 -23.64 25.51
CA VAL D 115 -13.13 -22.66 26.21
C VAL D 115 -13.62 -22.45 27.64
N LEU D 116 -14.94 -22.38 27.84
CA LEU D 116 -15.47 -22.11 29.18
C LEU D 116 -15.26 -23.29 30.10
N GLU D 117 -15.45 -24.50 29.61
CA GLU D 117 -15.09 -25.67 30.39
C GLU D 117 -13.62 -25.70 30.75
N TYR D 118 -12.75 -25.43 29.77
CA TYR D 118 -11.32 -25.45 30.06
C TYR D 118 -10.99 -24.39 31.10
N LEU D 119 -11.68 -23.27 31.03
CA LEU D 119 -11.36 -22.15 31.91
C LEU D 119 -11.62 -22.54 33.37
N VAL D 120 -12.78 -23.15 33.64
CA VAL D 120 -13.04 -23.46 35.04
C VAL D 120 -12.14 -24.64 35.46
N SER D 121 -11.81 -25.56 34.55
CA SER D 121 -10.87 -26.65 34.87
C SER D 121 -9.49 -26.13 35.24
N PHE D 122 -8.92 -25.31 34.36
CA PHE D 122 -7.62 -24.73 34.67
C PHE D 122 -7.69 -23.93 35.97
N GLY D 123 -8.73 -23.08 36.17
CA GLY D 123 -8.84 -22.34 37.42
C GLY D 123 -8.78 -23.23 38.67
N VAL D 124 -9.41 -24.40 38.62
CA VAL D 124 -9.34 -25.33 39.74
C VAL D 124 -7.98 -26.01 39.83
N TRP D 125 -7.40 -26.37 38.69
CA TRP D 125 -6.10 -27.02 38.72
C TRP D 125 -5.01 -26.09 39.31
N ILE D 126 -4.93 -24.84 38.84
CA ILE D 126 -3.88 -23.92 39.27
C ILE D 126 -4.03 -23.50 40.74
N ARG D 127 -5.26 -23.54 41.32
CA ARG D 127 -5.42 -23.27 42.74
C ARG D 127 -5.10 -24.47 43.63
N THR D 128 -4.85 -25.59 43.05
CA THR D 128 -4.47 -26.75 43.84
C THR D 128 -3.01 -26.68 44.27
N PRO D 129 -2.70 -26.85 45.56
CA PRO D 129 -1.30 -26.82 45.99
C PRO D 129 -0.49 -27.87 45.26
N PRO D 130 0.71 -27.51 44.82
CA PRO D 130 1.43 -28.38 43.85
C PRO D 130 1.57 -29.83 44.29
N ALA D 131 1.73 -30.10 45.58
CA ALA D 131 1.91 -31.50 46.00
C ALA D 131 0.68 -32.35 45.70
N ALA D 132 -0.53 -31.74 45.64
CA ALA D 132 -1.78 -32.43 45.34
C ALA D 132 -2.22 -32.25 43.91
N ARG D 133 -1.66 -31.27 43.23
CA ARG D 133 -2.02 -30.95 41.86
C ARG D 133 -1.81 -32.14 40.94
N PRO D 134 -2.78 -32.50 40.10
CA PRO D 134 -2.55 -33.54 39.09
C PRO D 134 -1.42 -33.17 38.15
N PRO D 135 -0.71 -34.17 37.60
CA PRO D 135 0.44 -33.85 36.72
C PRO D 135 0.06 -33.20 35.41
N ASN D 136 -0.95 -33.72 34.71
CA ASN D 136 -1.42 -33.13 33.43
C ASN D 136 -2.45 -32.01 33.60
N ALA D 137 -2.05 -30.75 33.34
CA ALA D 137 -2.95 -29.62 33.30
C ALA D 137 -4.01 -29.79 32.21
N PRO D 138 -5.19 -29.21 32.39
CA PRO D 138 -6.14 -29.18 31.28
C PRO D 138 -5.53 -28.43 30.11
N ILE D 139 -5.98 -28.78 28.91
CA ILE D 139 -5.60 -28.04 27.72
C ILE D 139 -6.81 -27.94 26.80
N LEU D 140 -6.86 -26.85 26.03
CA LEU D 140 -7.79 -26.76 24.92
C LEU D 140 -7.34 -27.68 23.81
N SER D 141 -8.24 -28.53 23.33
CA SER D 141 -7.94 -29.38 22.17
C SER D 141 -9.10 -29.30 21.18
N THR D 142 -8.75 -29.35 19.89
CA THR D 142 -9.75 -29.21 18.84
C THR D 142 -10.66 -30.42 18.79
N LEU D 143 -11.97 -30.17 18.70
CA LEU D 143 -12.92 -31.26 18.47
C LEU D 143 -12.78 -31.77 17.04
N PRO D 144 -12.88 -33.08 16.82
CA PRO D 144 -12.89 -33.59 15.45
C PRO D 144 -14.15 -33.17 14.70
N GLU D 145 -13.99 -32.97 13.39
CA GLU D 145 -15.12 -32.61 12.55
C GLU D 145 -16.06 -33.80 12.34
N THR D 146 -15.52 -35.02 12.33
CA THR D 146 -16.27 -36.25 12.14
C THR D 146 -16.14 -37.10 13.40
N THR D 147 -17.26 -37.37 14.05
CA THR D 147 -17.30 -38.26 15.20
C THR D 147 -16.67 -39.62 14.86
N VAL D 148 -16.29 -40.40 15.88
CA VAL D 148 -15.87 -41.76 15.56
C VAL D 148 -17.05 -42.57 15.07
N VAL D 149 -18.26 -42.24 15.57
CA VAL D 149 -19.48 -42.89 15.10
C VAL D 149 -19.63 -42.74 13.59
N GLU D 150 -19.38 -41.53 13.08
CA GLU D 150 -19.57 -41.27 11.66
C GLU D 150 -18.55 -42.03 10.81
N ASN D 151 -17.30 -42.11 11.25
CA ASN D 151 -16.31 -42.86 10.47
C ASN D 151 -16.65 -44.35 10.45
N LEU D 152 -17.15 -44.88 11.57
CA LEU D 152 -17.48 -46.30 11.64
C LEU D 152 -18.73 -46.61 10.83
N TYR D 153 -19.72 -45.72 10.88
CA TYR D 153 -20.93 -45.89 10.08
C TYR D 153 -20.63 -46.07 8.59
N PHE D 154 -19.63 -45.36 8.06
CA PHE D 154 -19.34 -45.42 6.62
C PHE D 154 -18.26 -46.45 6.25
N GLN D 155 -17.75 -47.22 7.20
CA GLN D 155 -16.89 -48.35 6.86
C GLN D 155 -17.66 -49.41 6.05
N MET E 1 10.06 -3.31 -7.29
CA MET E 1 9.26 -4.52 -7.19
C MET E 1 9.19 -4.87 -5.75
N ASP E 2 8.05 -5.32 -5.28
CA ASP E 2 7.95 -5.82 -3.90
C ASP E 2 7.69 -7.33 -3.96
N ILE E 3 8.75 -8.13 -3.76
CA ILE E 3 8.67 -9.57 -3.89
C ILE E 3 8.75 -10.16 -2.50
N ASP E 4 7.89 -11.14 -2.21
CA ASP E 4 7.92 -11.83 -0.94
C ASP E 4 8.48 -13.21 -1.24
N PRO E 5 9.67 -13.55 -0.74
CA PRO E 5 10.28 -14.85 -1.12
C PRO E 5 9.42 -16.07 -0.80
N TYR E 6 8.46 -15.98 0.15
CA TYR E 6 7.62 -17.10 0.56
C TYR E 6 6.34 -17.26 -0.24
N LYS E 7 5.91 -16.21 -0.97
CA LYS E 7 4.60 -16.20 -1.60
C LYS E 7 4.41 -17.40 -2.52
N GLU E 8 5.40 -17.69 -3.37
CA GLU E 8 5.22 -18.79 -4.31
C GLU E 8 5.23 -20.16 -3.63
N PHE E 9 5.64 -20.23 -2.35
CA PHE E 9 5.60 -21.45 -1.57
C PHE E 9 4.46 -21.45 -0.55
N GLY E 10 3.52 -20.53 -0.66
CA GLY E 10 2.32 -20.58 0.16
C GLY E 10 2.42 -19.96 1.55
N ALA E 11 3.31 -18.98 1.74
CA ALA E 11 3.59 -18.44 3.07
C ALA E 11 3.95 -16.97 2.88
N THR E 12 4.32 -16.30 3.95
CA THR E 12 4.68 -14.88 3.87
C THR E 12 5.78 -14.59 4.85
N VAL E 13 6.41 -13.46 4.65
CA VAL E 13 7.38 -12.99 5.63
C VAL E 13 6.73 -12.84 7.00
N GLU E 14 5.55 -12.18 7.06
CA GLU E 14 4.85 -11.98 8.34
C GLU E 14 4.60 -13.26 9.08
N LEU E 15 4.21 -14.32 8.35
CA LEU E 15 3.97 -15.59 8.98
C LEU E 15 5.26 -16.17 9.60
N LEU E 16 6.37 -16.16 8.87
CA LEU E 16 7.64 -16.68 9.41
C LEU E 16 8.08 -15.85 10.60
N SER E 17 7.77 -14.55 10.57
N SER E 17 7.81 -14.54 10.58
CA SER E 17 8.08 -13.61 11.64
CA SER E 17 8.19 -13.69 11.69
C SER E 17 7.36 -13.99 12.93
C SER E 17 7.33 -13.96 12.93
N PHE E 18 6.36 -14.87 12.86
CA PHE E 18 5.59 -15.28 14.06
C PHE E 18 6.42 -16.23 14.93
N LEU E 19 7.48 -16.91 14.33
CA LEU E 19 8.34 -17.62 15.27
C LEU E 19 9.31 -16.67 15.96
N PRO E 20 9.64 -16.84 17.24
CA PRO E 20 10.63 -15.94 17.86
C PRO E 20 11.99 -16.11 17.19
N SER E 21 12.79 -15.04 17.27
CA SER E 21 14.07 -15.05 16.59
C SER E 21 15.00 -16.12 17.16
N ASP E 22 14.90 -16.43 18.44
CA ASP E 22 15.77 -17.48 18.94
C ASP E 22 15.20 -18.88 18.75
N PHE E 23 14.11 -19.06 17.98
CA PHE E 23 13.67 -20.41 17.60
C PHE E 23 14.63 -21.08 16.58
N PHE E 24 15.25 -20.29 15.71
CA PHE E 24 15.94 -20.83 14.54
C PHE E 24 17.38 -21.19 14.90
N PRO E 25 17.92 -22.23 14.30
CA PRO E 25 19.38 -22.48 14.42
C PRO E 25 20.18 -21.34 13.81
N SER E 26 21.50 -21.38 14.03
CA SER E 26 22.41 -20.44 13.36
C SER E 26 22.34 -20.64 11.85
N VAL E 27 22.69 -19.61 11.08
CA VAL E 27 22.81 -19.87 9.64
C VAL E 27 23.84 -20.97 9.38
N ARG E 28 24.92 -20.98 10.14
CA ARG E 28 25.95 -22.02 9.89
C ARG E 28 25.38 -23.43 10.13
N ASP E 29 24.55 -23.59 11.18
CA ASP E 29 23.97 -24.91 11.45
C ASP E 29 22.93 -25.31 10.40
N LEU E 30 22.22 -24.34 9.79
CA LEU E 30 21.28 -24.67 8.72
C LEU E 30 22.01 -24.99 7.43
N LEU E 31 23.09 -24.28 7.17
CA LEU E 31 23.90 -24.64 5.99
C LEU E 31 24.49 -26.05 6.11
N ASP E 32 24.93 -26.43 7.32
CA ASP E 32 25.50 -27.78 7.46
C ASP E 32 24.41 -28.82 7.36
N THR E 33 23.17 -28.47 7.74
CA THR E 33 22.07 -29.42 7.62
C THR E 33 21.66 -29.57 6.17
N ALA E 34 21.58 -28.47 5.44
CA ALA E 34 21.23 -28.55 4.03
C ALA E 34 22.20 -29.45 3.28
N ALA E 35 23.49 -29.30 3.59
CA ALA E 35 24.50 -30.21 3.00
C ALA E 35 24.28 -31.66 3.44
N ALA E 36 24.08 -31.90 4.74
CA ALA E 36 23.95 -33.31 5.18
C ALA E 36 22.72 -33.95 4.58
N LEU E 37 21.61 -33.19 4.50
CA LEU E 37 20.37 -33.73 3.97
C LEU E 37 20.30 -33.66 2.44
N TYR E 38 20.76 -32.59 1.79
CA TYR E 38 20.48 -32.42 0.37
C TYR E 38 21.68 -32.09 -0.54
N ARG E 39 22.91 -32.31 -0.10
N ARG E 39 22.92 -32.31 -0.11
CA ARG E 39 24.08 -31.86 -0.87
CA ARG E 39 24.07 -31.85 -0.89
C ARG E 39 24.03 -32.37 -2.31
C ARG E 39 24.01 -32.38 -2.32
N ASP E 40 23.78 -33.68 -2.48
CA ASP E 40 23.74 -34.28 -3.80
C ASP E 40 22.68 -33.60 -4.69
N ALA E 41 21.48 -33.38 -4.16
CA ALA E 41 20.44 -32.71 -4.95
C ALA E 41 20.82 -31.27 -5.27
N LEU E 42 21.22 -30.51 -4.26
CA LEU E 42 21.63 -29.13 -4.47
C LEU E 42 22.68 -28.97 -5.55
N GLU E 43 23.66 -29.87 -5.61
CA GLU E 43 24.76 -29.78 -6.59
C GLU E 43 24.45 -30.44 -7.92
N SER E 44 23.26 -31.01 -8.12
CA SER E 44 23.07 -31.75 -9.37
C SER E 44 22.59 -30.84 -10.49
N PRO E 45 22.65 -31.30 -11.75
CA PRO E 45 22.12 -30.49 -12.86
C PRO E 45 20.60 -30.48 -12.97
N GLU E 46 19.84 -31.12 -12.07
CA GLU E 46 18.39 -31.14 -12.18
C GLU E 46 17.77 -30.10 -11.25
N HIS E 47 16.63 -29.51 -11.67
CA HIS E 47 15.91 -28.56 -10.83
C HIS E 47 15.52 -29.20 -9.50
N CYS E 48 15.09 -30.46 -9.52
CA CYS E 48 14.62 -31.21 -8.36
C CYS E 48 13.31 -30.65 -7.86
N SER E 49 13.27 -29.39 -7.47
CA SER E 49 11.97 -28.81 -7.11
C SER E 49 12.15 -27.30 -6.97
N PRO E 50 11.07 -26.52 -6.89
CA PRO E 50 11.25 -25.09 -6.64
C PRO E 50 11.94 -24.80 -5.32
N HIS E 51 11.72 -25.65 -4.30
CA HIS E 51 12.43 -25.46 -3.05
C HIS E 51 13.94 -25.63 -3.24
N HIS E 52 14.35 -26.64 -4.02
CA HIS E 52 15.78 -26.80 -4.32
C HIS E 52 16.32 -25.56 -5.03
N THR E 53 15.63 -25.11 -6.06
CA THR E 53 16.09 -23.92 -6.77
C THR E 53 16.25 -22.74 -5.82
N ALA E 54 15.24 -22.51 -4.94
CA ALA E 54 15.32 -21.35 -4.05
C ALA E 54 16.43 -21.53 -3.03
N LEU E 55 16.48 -22.71 -2.42
CA LEU E 55 17.55 -23.00 -1.46
C LEU E 55 18.94 -22.83 -2.08
N ARG E 56 19.12 -23.29 -3.31
CA ARG E 56 20.41 -23.04 -3.97
C ARG E 56 20.75 -21.57 -3.98
N GLN E 57 19.75 -20.68 -4.25
CA GLN E 57 20.13 -19.27 -4.38
C GLN E 57 20.46 -18.67 -3.03
N ALA E 58 19.72 -19.09 -1.98
CA ALA E 58 19.93 -18.52 -0.65
C ALA E 58 21.28 -18.90 -0.11
N ILE E 59 21.66 -20.16 -0.28
CA ILE E 59 23.04 -20.55 0.06
C ILE E 59 24.07 -19.64 -0.58
N LEU E 60 23.96 -19.45 -1.90
CA LEU E 60 24.94 -18.59 -2.56
C LEU E 60 24.81 -17.14 -2.14
N CYS E 61 23.57 -16.65 -1.90
CA CYS E 61 23.44 -15.27 -1.46
C CYS E 61 24.14 -15.06 -0.12
N TRP E 62 23.96 -15.99 0.81
CA TRP E 62 24.64 -15.86 2.09
C TRP E 62 26.14 -15.80 1.89
N GLY E 63 26.68 -16.72 1.09
CA GLY E 63 28.03 -16.56 0.59
C GLY E 63 28.40 -15.15 0.12
N ASP E 64 27.59 -14.51 -0.75
CA ASP E 64 27.94 -13.14 -1.18
C ASP E 64 27.93 -12.16 -0.01
N LEU E 65 26.88 -12.23 0.84
CA LEU E 65 26.80 -11.37 2.01
C LEU E 65 28.02 -11.52 2.91
N MET E 66 28.40 -12.76 3.24
CA MET E 66 29.55 -12.91 4.14
C MET E 66 30.84 -12.48 3.47
N THR E 67 30.98 -12.70 2.16
CA THR E 67 32.17 -12.21 1.47
C THR E 67 32.29 -10.70 1.61
N LEU E 68 31.16 -9.99 1.42
CA LEU E 68 31.15 -8.54 1.57
C LEU E 68 31.37 -8.11 3.02
N ALA E 69 30.81 -8.84 3.99
CA ALA E 69 30.90 -8.41 5.38
C ALA E 69 32.29 -8.62 5.93
N THR E 70 32.98 -9.68 5.49
CA THR E 70 34.35 -9.92 5.95
C THR E 70 35.29 -8.87 5.38
N TRP E 71 35.17 -8.59 4.08
CA TRP E 71 35.99 -7.54 3.49
C TRP E 71 35.81 -6.21 4.23
N VAL E 72 34.61 -5.94 4.73
CA VAL E 72 34.39 -4.72 5.51
C VAL E 72 35.07 -4.83 6.87
N GLY E 73 34.79 -5.91 7.60
CA GLY E 73 35.33 -6.06 8.94
C GLY E 73 36.85 -6.18 8.97
N THR E 74 37.46 -6.74 7.91
CA THR E 74 38.90 -6.95 7.88
C THR E 74 39.68 -5.70 7.47
N ASN E 75 39.13 -4.86 6.60
CA ASN E 75 39.76 -3.59 6.29
C ASN E 75 39.51 -2.53 7.35
N LEU E 76 38.80 -2.88 8.42
CA LEU E 76 38.57 -2.00 9.57
C LEU E 76 39.26 -2.61 10.80
N GLU E 77 40.47 -2.10 11.10
CA GLU E 77 41.26 -2.63 12.22
C GLU E 77 40.64 -2.32 13.57
N ASP E 78 39.98 -1.16 13.70
CA ASP E 78 39.32 -0.79 14.95
C ASP E 78 38.30 -1.86 15.36
N PRO E 79 38.37 -2.38 16.59
CA PRO E 79 37.43 -3.44 16.99
C PRO E 79 35.98 -2.97 17.09
N ALA E 80 35.75 -1.67 17.31
CA ALA E 80 34.39 -1.16 17.44
C ALA E 80 33.57 -1.42 16.17
N SER E 81 34.13 -1.10 15.01
CA SER E 81 33.43 -1.28 13.74
C SER E 81 33.45 -2.73 13.29
N ARG E 82 34.57 -3.44 13.53
CA ARG E 82 34.62 -4.86 13.23
C ARG E 82 33.50 -5.62 13.92
N ASP E 83 33.21 -5.26 15.19
CA ASP E 83 32.13 -5.91 15.93
C ASP E 83 30.77 -5.31 15.63
N LEU E 84 30.72 -4.06 15.20
CA LEU E 84 29.42 -3.49 14.87
C LEU E 84 28.84 -4.11 13.61
N VAL E 85 29.68 -4.59 12.70
CA VAL E 85 29.17 -5.23 11.49
C VAL E 85 28.61 -6.61 11.84
N VAL E 86 29.28 -7.33 12.72
CA VAL E 86 28.74 -8.61 13.19
C VAL E 86 27.38 -8.40 13.84
N SER E 87 27.27 -7.41 14.72
CA SER E 87 26.00 -7.13 15.38
C SER E 87 24.88 -6.90 14.37
N TYR E 88 25.16 -6.12 13.33
CA TYR E 88 24.15 -5.84 12.31
C TYR E 88 23.76 -7.09 11.54
N VAL E 89 24.76 -7.92 11.19
CA VAL E 89 24.50 -9.21 10.57
C VAL E 89 23.66 -10.10 11.47
N ASN E 90 23.95 -10.11 12.77
CA ASN E 90 23.15 -10.95 13.65
C ASN E 90 21.72 -10.42 13.79
N THR E 91 21.57 -9.11 13.95
CA THR E 91 20.25 -8.57 14.28
C THR E 91 19.35 -8.48 13.05
N ASN E 92 19.93 -8.38 11.86
CA ASN E 92 19.15 -8.05 10.69
C ASN E 92 19.20 -9.14 9.63
N VAL E 93 20.30 -9.20 8.88
CA VAL E 93 20.25 -10.10 7.75
C VAL E 93 20.33 -11.56 8.19
N GLY E 94 21.05 -11.85 9.28
CA GLY E 94 21.12 -13.23 9.74
C GLY E 94 19.76 -13.82 10.01
N LEU E 95 18.88 -13.06 10.71
CA LEU E 95 17.57 -13.58 11.06
C LEU E 95 16.74 -13.85 9.80
N LYS E 96 16.81 -12.95 8.84
CA LYS E 96 16.11 -13.19 7.58
C LYS E 96 16.54 -14.50 6.93
N PHE E 97 17.87 -14.79 6.89
CA PHE E 97 18.30 -16.04 6.27
C PHE E 97 18.05 -17.26 7.13
N ARG E 98 18.08 -17.12 8.47
CA ARG E 98 17.72 -18.26 9.31
C ARG E 98 16.27 -18.64 9.08
N GLN E 99 15.39 -17.64 8.93
CA GLN E 99 14.01 -17.94 8.63
C GLN E 99 13.94 -18.69 7.32
N LEU E 100 14.54 -18.12 6.29
CA LEU E 100 14.34 -18.64 4.94
C LEU E 100 14.99 -20.04 4.80
N LEU E 101 16.19 -20.19 5.32
CA LEU E 101 16.84 -21.51 5.23
C LEU E 101 16.05 -22.58 5.96
N TRP E 102 15.55 -22.23 7.17
CA TRP E 102 14.79 -23.19 7.94
C TRP E 102 13.54 -23.55 7.18
N PHE E 103 12.90 -22.55 6.59
CA PHE E 103 11.67 -22.81 5.84
C PHE E 103 11.91 -23.84 4.76
N HIS E 104 12.84 -23.57 3.86
CA HIS E 104 13.08 -24.50 2.76
C HIS E 104 13.57 -25.84 3.24
N ILE E 105 14.49 -25.87 4.22
CA ILE E 105 14.99 -27.18 4.69
C ILE E 105 13.85 -28.00 5.31
N SER E 106 13.00 -27.36 6.15
CA SER E 106 11.93 -28.10 6.76
C SER E 106 10.90 -28.52 5.71
N CYS E 107 10.61 -27.63 4.73
CA CYS E 107 9.63 -27.99 3.72
C CYS E 107 10.08 -29.19 2.91
N LEU E 108 11.36 -29.24 2.52
CA LEU E 108 11.87 -30.42 1.80
C LEU E 108 11.79 -31.69 2.64
N THR E 109 11.80 -31.58 3.96
CA THR E 109 11.73 -32.80 4.76
C THR E 109 10.31 -33.22 5.10
N PHE E 110 9.40 -32.27 5.36
CA PHE E 110 8.10 -32.60 5.95
C PHE E 110 6.95 -32.08 5.12
N GLY E 111 7.21 -31.25 4.11
CA GLY E 111 6.16 -30.68 3.31
C GLY E 111 5.56 -29.40 3.83
N ARG E 112 5.14 -28.55 2.89
CA ARG E 112 4.67 -27.20 3.18
C ARG E 112 3.56 -27.19 4.23
N GLU E 113 2.59 -28.08 4.08
CA GLU E 113 1.42 -27.99 4.94
C GLU E 113 1.76 -28.42 6.36
N THR E 114 2.57 -29.48 6.49
CA THR E 114 3.00 -29.88 7.82
C THR E 114 3.82 -28.78 8.47
N VAL E 115 4.63 -28.10 7.68
CA VAL E 115 5.47 -27.04 8.23
C VAL E 115 4.63 -25.84 8.68
N LEU E 116 3.57 -25.51 7.96
CA LEU E 116 2.87 -24.30 8.31
C LEU E 116 1.97 -24.55 9.53
N GLU E 117 1.37 -25.73 9.63
CA GLU E 117 0.64 -26.07 10.85
C GLU E 117 1.55 -26.03 12.07
N TYR E 118 2.72 -26.67 11.96
CA TYR E 118 3.74 -26.62 13.00
C TYR E 118 4.10 -25.20 13.42
N LEU E 119 4.36 -24.34 12.45
CA LEU E 119 4.84 -22.99 12.74
C LEU E 119 3.84 -22.25 13.63
N VAL E 120 2.57 -22.34 13.27
CA VAL E 120 1.54 -21.61 14.00
C VAL E 120 1.30 -22.25 15.37
N SER E 121 1.31 -23.59 15.43
CA SER E 121 1.21 -24.29 16.70
C SER E 121 2.33 -23.87 17.65
N PHE E 122 3.55 -23.88 17.16
CA PHE E 122 4.69 -23.55 18.01
C PHE E 122 4.65 -22.09 18.39
N GLY E 123 4.28 -21.22 17.45
CA GLY E 123 4.16 -19.80 17.73
C GLY E 123 3.21 -19.50 18.89
N VAL E 124 2.11 -20.25 18.98
CA VAL E 124 1.17 -20.10 20.10
C VAL E 124 1.75 -20.73 21.39
N TRP E 125 2.32 -21.89 21.30
CA TRP E 125 2.80 -22.59 22.48
C TRP E 125 3.85 -21.74 23.24
N ILE E 126 4.80 -21.18 22.51
CA ILE E 126 5.94 -20.46 23.10
C ILE E 126 5.50 -19.12 23.69
N ARG E 127 4.34 -18.57 23.25
CA ARG E 127 3.76 -17.37 23.83
C ARG E 127 2.90 -17.64 25.07
N THR E 128 2.61 -18.89 25.32
CA THR E 128 1.87 -19.28 26.50
C THR E 128 2.77 -19.22 27.74
N PRO E 129 2.38 -18.49 28.79
CA PRO E 129 3.14 -18.49 30.07
C PRO E 129 3.40 -19.91 30.57
N PRO E 130 4.61 -20.19 31.06
CA PRO E 130 4.99 -21.59 31.39
C PRO E 130 3.99 -22.35 32.27
N ALA E 131 3.37 -21.69 33.25
CA ALA E 131 2.43 -22.36 34.14
C ALA E 131 1.27 -23.01 33.40
N ALA E 132 0.85 -22.46 32.25
CA ALA E 132 -0.30 -22.98 31.51
C ALA E 132 0.10 -23.67 30.23
N ARG E 133 1.37 -23.62 29.92
CA ARG E 133 1.83 -24.11 28.65
C ARG E 133 1.82 -25.63 28.67
N PRO E 134 1.17 -26.26 27.70
CA PRO E 134 1.14 -27.71 27.60
C PRO E 134 2.54 -28.32 27.70
N PRO E 135 2.65 -29.45 28.35
CA PRO E 135 3.98 -30.00 28.66
C PRO E 135 4.81 -30.28 27.42
N ASN E 136 4.19 -30.74 26.34
CA ASN E 136 4.91 -31.14 25.14
C ASN E 136 4.73 -30.13 24.02
N ALA E 137 5.84 -29.51 23.61
CA ALA E 137 5.81 -28.66 22.43
C ALA E 137 5.34 -29.46 21.23
N PRO E 138 4.70 -28.80 20.26
CA PRO E 138 4.52 -29.43 18.95
C PRO E 138 5.87 -29.76 18.32
N ILE E 139 5.85 -30.73 17.38
CA ILE E 139 7.02 -31.08 16.57
C ILE E 139 6.59 -31.38 15.14
N LEU E 140 7.58 -31.60 14.25
CA LEU E 140 7.36 -32.04 12.88
C LEU E 140 7.56 -33.56 12.76
N SER E 141 6.57 -34.26 12.18
CA SER E 141 6.58 -35.72 12.13
C SER E 141 6.06 -36.24 10.81
N THR E 142 6.37 -37.51 10.55
CA THR E 142 6.08 -38.27 9.33
C THR E 142 6.29 -37.44 8.06
N MET F 1 29.36 -26.64 0.51
CA MET F 1 28.83 -27.18 -0.73
C MET F 1 29.42 -26.39 -1.88
N ASP F 2 29.35 -26.93 -3.10
CA ASP F 2 29.86 -26.23 -4.27
C ASP F 2 28.73 -26.21 -5.27
N ILE F 3 27.94 -25.14 -5.25
CA ILE F 3 26.80 -25.02 -6.11
C ILE F 3 27.13 -24.01 -7.19
N ASP F 4 26.85 -24.36 -8.45
CA ASP F 4 26.94 -23.41 -9.53
C ASP F 4 25.52 -22.91 -9.83
N PRO F 5 25.22 -21.61 -9.72
CA PRO F 5 23.81 -21.18 -9.93
C PRO F 5 23.29 -21.44 -11.32
N TYR F 6 24.18 -21.63 -12.32
CA TYR F 6 23.75 -21.91 -13.66
C TYR F 6 23.56 -23.38 -13.97
N LYS F 7 24.07 -24.29 -13.12
CA LYS F 7 24.14 -25.71 -13.47
C LYS F 7 22.76 -26.32 -13.74
N GLU F 8 21.76 -26.07 -12.85
CA GLU F 8 20.43 -26.60 -13.10
C GLU F 8 19.77 -25.99 -14.33
N PHE F 9 20.34 -24.91 -14.88
CA PHE F 9 19.84 -24.28 -16.09
C PHE F 9 20.69 -24.60 -17.33
N GLY F 10 21.53 -25.62 -17.26
CA GLY F 10 22.30 -26.05 -18.41
C GLY F 10 23.44 -25.14 -18.77
N ALA F 11 23.96 -24.36 -17.82
CA ALA F 11 25.12 -23.51 -18.11
C ALA F 11 26.08 -23.60 -16.94
N THR F 12 27.09 -22.75 -16.93
CA THR F 12 28.03 -22.72 -15.85
C THR F 12 28.49 -21.29 -15.69
N VAL F 13 29.04 -21.02 -14.50
CA VAL F 13 29.71 -19.75 -14.27
C VAL F 13 30.79 -19.47 -15.32
N GLU F 14 31.63 -20.49 -15.66
CA GLU F 14 32.73 -20.19 -16.57
C GLU F 14 32.20 -19.70 -17.90
N LEU F 15 31.14 -20.33 -18.39
CA LEU F 15 30.57 -19.95 -19.67
C LEU F 15 29.97 -18.53 -19.66
N LEU F 16 29.23 -18.12 -18.60
CA LEU F 16 28.75 -16.74 -18.56
C LEU F 16 29.91 -15.76 -18.55
N SER F 17 31.01 -16.16 -17.92
CA SER F 17 32.20 -15.33 -17.88
C SER F 17 32.86 -15.16 -19.25
N PHE F 18 32.44 -15.91 -20.26
CA PHE F 18 32.96 -15.68 -21.61
C PHE F 18 32.44 -14.32 -22.17
N LEU F 19 31.29 -13.81 -21.67
CA LEU F 19 30.92 -12.45 -22.11
C LEU F 19 31.78 -11.43 -21.37
N PRO F 20 32.27 -10.36 -22.02
CA PRO F 20 33.05 -9.36 -21.27
C PRO F 20 32.22 -8.56 -20.28
N SER F 21 32.92 -8.01 -19.28
CA SER F 21 32.22 -7.37 -18.19
C SER F 21 31.46 -6.15 -18.65
N ASP F 22 31.85 -5.55 -19.78
CA ASP F 22 31.08 -4.41 -20.29
C ASP F 22 30.03 -4.79 -21.34
N PHE F 23 29.76 -6.08 -21.58
CA PHE F 23 28.56 -6.48 -22.33
C PHE F 23 27.27 -6.25 -21.51
N PHE F 24 27.33 -6.38 -20.23
CA PHE F 24 26.06 -6.39 -19.51
C PHE F 24 25.61 -4.98 -19.14
N PRO F 25 24.28 -4.73 -19.15
CA PRO F 25 23.74 -3.52 -18.56
C PRO F 25 24.08 -3.45 -17.07
N SER F 26 23.81 -2.28 -16.47
CA SER F 26 23.92 -2.16 -15.02
C SER F 26 22.94 -3.07 -14.32
N VAL F 27 23.19 -3.33 -13.05
CA VAL F 27 22.21 -4.09 -12.30
C VAL F 27 20.89 -3.31 -12.25
N ARG F 28 20.97 -2.00 -12.04
CA ARG F 28 19.75 -1.18 -12.06
C ARG F 28 18.98 -1.37 -13.35
N ASP F 29 19.66 -1.28 -14.50
CA ASP F 29 18.94 -1.41 -15.76
C ASP F 29 18.33 -2.80 -15.94
N LEU F 30 19.00 -3.85 -15.45
CA LEU F 30 18.44 -5.20 -15.50
C LEU F 30 17.23 -5.35 -14.57
N LEU F 31 17.31 -4.74 -13.40
CA LEU F 31 16.14 -4.78 -12.50
C LEU F 31 14.95 -4.01 -13.06
N ASP F 32 15.19 -2.86 -13.69
CA ASP F 32 14.05 -2.14 -14.26
C ASP F 32 13.47 -2.91 -15.43
N THR F 33 14.31 -3.67 -16.15
CA THR F 33 13.85 -4.54 -17.23
C THR F 33 13.10 -5.73 -16.67
N ALA F 34 13.59 -6.32 -15.58
CA ALA F 34 12.89 -7.46 -15.01
C ALA F 34 11.49 -7.01 -14.61
N ALA F 35 11.40 -5.80 -14.10
CA ALA F 35 10.06 -5.30 -13.68
C ALA F 35 9.18 -5.00 -14.90
N ALA F 36 9.73 -4.32 -15.91
CA ALA F 36 8.89 -3.93 -17.04
C ALA F 36 8.37 -5.18 -17.76
N LEU F 37 9.12 -6.27 -17.73
CA LEU F 37 8.83 -7.46 -18.53
C LEU F 37 8.08 -8.54 -17.75
N TYR F 38 8.39 -8.73 -16.46
CA TYR F 38 7.93 -9.89 -15.72
C TYR F 38 7.37 -9.58 -14.33
N ARG F 39 7.08 -8.32 -14.01
CA ARG F 39 6.69 -7.93 -12.67
C ARG F 39 5.53 -8.78 -12.17
N ASP F 40 4.48 -8.86 -12.96
CA ASP F 40 3.28 -9.56 -12.53
C ASP F 40 3.61 -11.00 -12.16
N ALA F 41 4.34 -11.69 -13.04
CA ALA F 41 4.71 -13.07 -12.77
C ALA F 41 5.62 -13.16 -11.55
N LEU F 42 6.61 -12.25 -11.44
CA LEU F 42 7.54 -12.32 -10.31
C LEU F 42 6.84 -12.15 -8.98
N GLU F 43 5.83 -11.30 -8.93
CA GLU F 43 5.10 -11.01 -7.69
C GLU F 43 3.92 -11.94 -7.47
N SER F 44 3.68 -12.91 -8.34
CA SER F 44 2.51 -13.75 -8.18
C SER F 44 2.75 -14.89 -7.17
N PRO F 45 1.68 -15.47 -6.62
CA PRO F 45 1.83 -16.68 -5.80
C PRO F 45 2.17 -17.95 -6.58
N GLU F 46 2.36 -17.90 -7.90
CA GLU F 46 2.70 -19.07 -8.70
C GLU F 46 4.20 -19.15 -8.98
N HIS F 47 4.76 -20.38 -8.91
CA HIS F 47 6.18 -20.60 -9.25
C HIS F 47 6.52 -20.05 -10.63
N CYS F 48 5.64 -20.31 -11.62
CA CYS F 48 5.74 -19.98 -13.06
C CYS F 48 6.81 -20.80 -13.77
N SER F 49 8.05 -20.75 -13.30
CA SER F 49 9.15 -21.50 -13.91
C SER F 49 10.35 -21.42 -12.97
N PRO F 50 11.29 -22.36 -13.11
CA PRO F 50 12.50 -22.29 -12.29
C PRO F 50 13.30 -21.03 -12.52
N HIS F 51 13.30 -20.49 -13.73
CA HIS F 51 13.89 -19.17 -13.94
C HIS F 51 13.22 -18.09 -13.11
N HIS F 52 11.88 -18.12 -12.99
CA HIS F 52 11.21 -17.11 -12.16
C HIS F 52 11.62 -17.25 -10.69
N THR F 53 11.61 -18.48 -10.15
CA THR F 53 12.06 -18.71 -8.78
C THR F 53 13.45 -18.20 -8.54
N ALA F 54 14.40 -18.53 -9.45
CA ALA F 54 15.75 -18.08 -9.22
C ALA F 54 15.85 -16.57 -9.37
N LEU F 55 15.18 -16.01 -10.38
CA LEU F 55 15.25 -14.57 -10.56
C LEU F 55 14.66 -13.88 -9.34
N ARG F 56 13.53 -14.39 -8.81
CA ARG F 56 13.03 -13.80 -7.57
C ARG F 56 14.12 -13.71 -6.51
N GLN F 57 14.94 -14.80 -6.33
CA GLN F 57 15.89 -14.77 -5.22
C GLN F 57 16.98 -13.73 -5.48
N ALA F 58 17.46 -13.65 -6.74
CA ALA F 58 18.55 -12.75 -7.07
C ALA F 58 18.17 -11.30 -6.82
N ILE F 59 17.00 -10.90 -7.30
CA ILE F 59 16.46 -9.56 -6.99
C ILE F 59 16.51 -9.27 -5.49
N LEU F 60 15.97 -10.18 -4.67
CA LEU F 60 16.02 -9.94 -3.23
C LEU F 60 17.43 -9.99 -2.67
N CYS F 61 18.33 -10.85 -3.23
CA CYS F 61 19.68 -10.85 -2.72
C CYS F 61 20.39 -9.53 -3.00
N TRP F 62 20.19 -8.98 -4.21
CA TRP F 62 20.75 -7.66 -4.49
C TRP F 62 20.24 -6.65 -3.48
N GLY F 63 18.92 -6.66 -3.21
CA GLY F 63 18.40 -5.85 -2.10
C GLY F 63 19.17 -6.02 -0.80
N ASP F 64 19.39 -7.29 -0.37
CA ASP F 64 20.18 -7.53 0.84
C ASP F 64 21.57 -6.93 0.73
N LEU F 65 22.28 -7.21 -0.40
CA LEU F 65 23.61 -6.68 -0.56
C LEU F 65 23.62 -5.17 -0.46
N MET F 66 22.72 -4.47 -1.19
CA MET F 66 22.77 -3.00 -1.19
C MET F 66 22.38 -2.42 0.16
N THR F 67 21.47 -3.06 0.88
CA THR F 67 21.15 -2.58 2.22
C THR F 67 22.34 -2.72 3.15
N LEU F 68 23.06 -3.86 3.07
CA LEU F 68 24.25 -4.01 3.90
C LEU F 68 25.30 -2.98 3.50
N ALA F 69 25.54 -2.84 2.20
CA ALA F 69 26.53 -1.88 1.74
C ALA F 69 26.15 -0.44 2.12
N THR F 70 24.85 -0.12 2.11
CA THR F 70 24.44 1.24 2.45
C THR F 70 24.64 1.52 3.94
N TRP F 71 24.26 0.58 4.79
CA TRP F 71 24.45 0.77 6.22
C TRP F 71 25.92 0.96 6.56
N VAL F 72 26.81 0.26 5.86
CA VAL F 72 28.24 0.49 6.05
C VAL F 72 28.62 1.90 5.60
N GLY F 73 28.24 2.27 4.38
CA GLY F 73 28.55 3.61 3.91
C GLY F 73 27.92 4.70 4.76
N THR F 74 26.70 4.46 5.27
CA THR F 74 26.08 5.43 6.15
C THR F 74 26.88 5.60 7.44
N ASN F 75 27.50 4.53 7.94
CA ASN F 75 28.32 4.59 9.15
C ASN F 75 29.81 4.73 8.86
N LEU F 76 30.19 5.13 7.65
CA LEU F 76 31.53 5.59 7.33
C LEU F 76 31.45 7.06 6.95
N GLU F 77 32.13 7.92 7.72
CA GLU F 77 32.04 9.35 7.48
C GLU F 77 33.21 9.91 6.69
N ASP F 78 34.35 9.22 6.68
CA ASP F 78 35.48 9.72 5.90
C ASP F 78 35.13 9.67 4.42
N PRO F 79 35.40 10.74 3.67
CA PRO F 79 35.01 10.77 2.24
C PRO F 79 35.59 9.62 1.43
N ALA F 80 36.77 9.14 1.79
CA ALA F 80 37.46 8.15 0.98
C ALA F 80 36.79 6.78 1.06
N SER F 81 36.46 6.33 2.29
CA SER F 81 36.03 4.95 2.50
C SER F 81 34.60 4.67 2.05
N ARG F 82 33.75 5.69 1.94
CA ARG F 82 32.43 5.46 1.38
C ARG F 82 32.54 5.04 -0.08
N ASP F 83 33.48 5.62 -0.82
CA ASP F 83 33.75 5.20 -2.19
C ASP F 83 34.38 3.81 -2.27
N LEU F 84 34.99 3.34 -1.18
CA LEU F 84 35.60 2.02 -1.20
C LEU F 84 34.57 0.92 -1.35
N VAL F 85 33.38 1.10 -0.75
CA VAL F 85 32.38 0.04 -0.86
C VAL F 85 31.78 0.02 -2.25
N VAL F 86 31.53 1.22 -2.81
CA VAL F 86 31.04 1.30 -4.19
C VAL F 86 31.99 0.57 -5.11
N SER F 87 33.26 0.93 -5.08
CA SER F 87 34.21 0.26 -5.97
C SER F 87 34.15 -1.25 -5.82
N TYR F 88 34.11 -1.74 -4.58
CA TYR F 88 34.12 -3.19 -4.33
C TYR F 88 32.89 -3.86 -4.95
N VAL F 89 31.71 -3.29 -4.71
CA VAL F 89 30.48 -3.77 -5.33
C VAL F 89 30.58 -3.77 -6.86
N ASN F 90 31.05 -2.66 -7.44
CA ASN F 90 31.21 -2.56 -8.88
C ASN F 90 32.13 -3.68 -9.41
N THR F 91 33.29 -3.85 -8.77
CA THR F 91 34.29 -4.79 -9.26
C THR F 91 33.85 -6.25 -9.12
N ASN F 92 33.24 -6.62 -7.99
CA ASN F 92 33.05 -8.02 -7.65
C ASN F 92 31.58 -8.43 -7.71
N VAL F 93 30.77 -7.97 -6.75
CA VAL F 93 29.47 -8.61 -6.70
C VAL F 93 28.58 -8.10 -7.83
N GLY F 94 28.76 -6.86 -8.26
CA GLY F 94 27.90 -6.34 -9.31
C GLY F 94 28.00 -7.13 -10.61
N LEU F 95 29.20 -7.57 -10.97
CA LEU F 95 29.35 -8.25 -12.25
C LEU F 95 28.68 -9.62 -12.17
N LYS F 96 28.84 -10.30 -11.05
CA LYS F 96 28.16 -11.58 -10.89
C LYS F 96 26.65 -11.43 -10.99
N PHE F 97 26.09 -10.41 -10.38
CA PHE F 97 24.64 -10.23 -10.50
C PHE F 97 24.23 -9.73 -11.88
N ARG F 98 25.05 -8.93 -12.54
CA ARG F 98 24.70 -8.57 -13.91
C ARG F 98 24.66 -9.81 -14.81
N GLN F 99 25.64 -10.73 -14.67
CA GLN F 99 25.58 -11.99 -15.39
C GLN F 99 24.30 -12.73 -15.10
N LEU F 100 23.99 -12.90 -13.81
CA LEU F 100 22.89 -13.76 -13.43
C LEU F 100 21.55 -13.16 -13.83
N LEU F 101 21.38 -11.85 -13.63
CA LEU F 101 20.11 -11.21 -14.02
C LEU F 101 19.93 -11.28 -15.51
N TRP F 102 21.02 -11.02 -16.25
CA TRP F 102 20.89 -11.06 -17.70
C TRP F 102 20.53 -12.46 -18.12
N PHE F 103 21.18 -13.45 -17.51
CA PHE F 103 20.93 -14.81 -17.92
C PHE F 103 19.47 -15.16 -17.77
N HIS F 104 18.91 -14.99 -16.56
CA HIS F 104 17.50 -15.32 -16.34
C HIS F 104 16.58 -14.45 -17.17
N ILE F 105 16.82 -13.15 -17.20
CA ILE F 105 15.88 -12.28 -17.96
C ILE F 105 15.90 -12.68 -19.44
N SER F 106 17.09 -12.97 -20.00
CA SER F 106 17.15 -13.34 -21.43
C SER F 106 16.60 -14.73 -21.65
N CYS F 107 16.84 -15.66 -20.71
CA CYS F 107 16.30 -17.01 -20.89
C CYS F 107 14.80 -16.98 -20.93
N LEU F 108 14.18 -16.15 -20.06
CA LEU F 108 12.71 -16.06 -20.05
C LEU F 108 12.18 -15.47 -21.33
N THR F 109 12.95 -14.63 -21.99
CA THR F 109 12.44 -14.01 -23.22
C THR F 109 12.70 -14.84 -24.48
N PHE F 110 13.89 -15.48 -24.59
CA PHE F 110 14.33 -16.10 -25.85
C PHE F 110 14.54 -17.60 -25.76
N GLY F 111 14.57 -18.18 -24.55
CA GLY F 111 14.88 -19.59 -24.38
C GLY F 111 16.34 -19.91 -24.18
N ARG F 112 16.61 -20.91 -23.31
CA ARG F 112 17.97 -21.36 -23.00
C ARG F 112 18.86 -21.56 -24.24
N GLU F 113 18.43 -22.39 -25.20
CA GLU F 113 19.30 -22.75 -26.32
C GLU F 113 19.64 -21.54 -27.18
N THR F 114 18.65 -20.69 -27.45
CA THR F 114 18.92 -19.43 -28.14
C THR F 114 19.94 -18.58 -27.39
N VAL F 115 19.71 -18.37 -26.10
CA VAL F 115 20.64 -17.55 -25.32
C VAL F 115 22.07 -18.10 -25.35
N LEU F 116 22.23 -19.43 -25.32
CA LEU F 116 23.57 -19.93 -25.14
C LEU F 116 24.33 -19.88 -26.45
N GLU F 117 23.63 -20.14 -27.55
CA GLU F 117 24.26 -19.99 -28.87
C GLU F 117 24.63 -18.53 -29.10
N TYR F 118 23.71 -17.61 -28.80
CA TYR F 118 24.04 -16.20 -28.86
C TYR F 118 25.29 -15.85 -28.04
N LEU F 119 25.34 -16.35 -26.79
CA LEU F 119 26.42 -16.04 -25.88
C LEU F 119 27.77 -16.37 -26.50
N VAL F 120 27.85 -17.55 -27.08
CA VAL F 120 29.12 -17.99 -27.62
C VAL F 120 29.46 -17.23 -28.91
N SER F 121 28.46 -16.98 -29.75
CA SER F 121 28.71 -16.18 -30.95
C SER F 121 29.27 -14.80 -30.59
N PHE F 122 28.62 -14.13 -29.66
CA PHE F 122 29.07 -12.80 -29.28
C PHE F 122 30.46 -12.81 -28.69
N GLY F 123 30.80 -13.81 -27.83
CA GLY F 123 32.10 -13.81 -27.23
C GLY F 123 33.19 -14.00 -28.28
N VAL F 124 32.86 -14.71 -29.35
CA VAL F 124 33.78 -14.82 -30.48
C VAL F 124 33.90 -13.48 -31.23
N TRP F 125 32.77 -12.81 -31.46
CA TRP F 125 32.77 -11.60 -32.29
C TRP F 125 33.61 -10.49 -31.64
N ILE F 126 33.43 -10.27 -30.36
CA ILE F 126 34.02 -9.17 -29.62
C ILE F 126 35.53 -9.39 -29.43
N ARG F 127 35.98 -10.65 -29.45
CA ARG F 127 37.41 -11.03 -29.40
C ARG F 127 38.09 -10.88 -30.74
N THR F 128 37.33 -10.66 -31.76
CA THR F 128 37.89 -10.52 -33.10
C THR F 128 38.43 -9.10 -33.28
N PRO F 129 39.71 -8.94 -33.69
CA PRO F 129 40.25 -7.61 -33.92
C PRO F 129 39.36 -6.84 -34.87
N PRO F 130 39.11 -5.57 -34.57
CA PRO F 130 38.16 -4.77 -35.38
C PRO F 130 38.36 -4.79 -36.90
N ALA F 131 39.61 -4.79 -37.38
CA ALA F 131 39.84 -4.86 -38.82
C ALA F 131 39.10 -6.04 -39.46
N ALA F 132 39.05 -7.19 -38.75
CA ALA F 132 38.51 -8.44 -39.25
C ALA F 132 37.13 -8.72 -38.72
N ARG F 133 36.68 -7.92 -37.75
CA ARG F 133 35.43 -8.19 -37.07
C ARG F 133 34.29 -7.90 -38.03
N PRO F 134 33.33 -8.81 -38.18
CA PRO F 134 32.17 -8.53 -39.03
C PRO F 134 31.44 -7.27 -38.58
N PRO F 135 30.82 -6.57 -39.51
CA PRO F 135 30.19 -5.28 -39.14
C PRO F 135 29.01 -5.42 -38.17
N ASN F 136 28.14 -6.40 -38.40
CA ASN F 136 26.98 -6.63 -37.54
C ASN F 136 27.32 -7.67 -36.48
N ALA F 137 27.10 -7.31 -35.22
CA ALA F 137 27.29 -8.27 -34.15
C ALA F 137 26.17 -9.29 -34.21
N PRO F 138 26.37 -10.47 -33.63
CA PRO F 138 25.26 -11.41 -33.51
C PRO F 138 24.14 -10.83 -32.67
N ILE F 139 22.93 -11.35 -32.90
CA ILE F 139 21.73 -10.85 -32.24
C ILE F 139 20.86 -12.00 -31.73
N LEU F 140 20.15 -11.74 -30.62
CA LEU F 140 19.30 -12.72 -29.97
C LEU F 140 17.92 -12.81 -30.63
N SER F 141 17.55 -14.03 -31.05
CA SER F 141 16.29 -14.25 -31.77
C SER F 141 15.66 -15.60 -31.45
N THR F 147 12.30 -22.06 -43.64
CA THR F 147 12.61 -21.88 -45.06
C THR F 147 11.39 -21.46 -45.86
N VAL F 148 11.60 -20.68 -46.93
CA VAL F 148 10.48 -20.24 -47.75
C VAL F 148 9.97 -21.37 -48.61
N VAL F 149 10.88 -22.07 -49.30
CA VAL F 149 10.47 -23.14 -50.21
C VAL F 149 9.79 -24.27 -49.44
N GLU F 150 10.30 -24.57 -48.24
CA GLU F 150 9.74 -25.65 -47.43
C GLU F 150 8.36 -25.28 -46.88
N ASN F 151 8.19 -24.04 -46.41
CA ASN F 151 6.90 -23.63 -45.89
C ASN F 151 5.84 -23.68 -46.98
N LEU F 152 6.20 -23.27 -48.20
CA LEU F 152 5.26 -23.31 -49.31
C LEU F 152 5.04 -24.74 -49.80
N TYR F 153 6.06 -25.59 -49.73
CA TYR F 153 5.90 -26.98 -50.14
C TYR F 153 4.80 -27.69 -49.32
N PHE F 154 4.70 -27.39 -48.02
CA PHE F 154 3.74 -28.06 -47.15
C PHE F 154 2.43 -27.29 -46.96
N GLN F 155 2.19 -26.23 -47.74
CA GLN F 155 0.88 -25.58 -47.79
C GLN F 155 -0.11 -26.59 -48.37
N ASN G 151 -23.13 -21.78 15.74
CA ASN G 151 -24.22 -20.98 15.19
C ASN G 151 -23.81 -20.27 13.88
N LEU G 152 -24.80 -20.02 13.03
CA LEU G 152 -24.65 -19.32 11.75
C LEU G 152 -25.48 -18.04 11.85
N TYR G 153 -24.84 -16.90 12.02
CA TYR G 153 -25.51 -15.69 12.51
C TYR G 153 -26.08 -14.84 11.38
N PHE G 154 -27.39 -14.60 11.41
CA PHE G 154 -28.11 -13.86 10.37
C PHE G 154 -28.42 -12.42 10.81
N GLN G 155 -28.09 -11.48 9.94
CA GLN G 155 -28.43 -10.08 10.17
C GLN G 155 -28.82 -9.41 8.85
#